data_4QT9
#
_entry.id   4QT9
#
_cell.length_a   117.925
_cell.length_b   80.728
_cell.length_c   90.752
_cell.angle_alpha   90.000
_cell.angle_beta   90.000
_cell.angle_gamma   90.000
#
_symmetry.space_group_name_H-M   'P 21 21 2'
#
loop_
_entity.id
_entity.type
_entity.pdbx_description
1 polymer 'putative glucoamylase'
2 non-polymer 'ACETATE ION'
3 non-polymer 2-AMINO-2-HYDROXYMETHYL-PROPANE-1,3-DIOL
4 water water
#
_entity_poly.entity_id   1
_entity_poly.type   'polypeptide(L)'
_entity_poly.pdbx_seq_one_letter_code
;GQSCKGKSSSNLTAATDSLSDDAL(MSE)DTVQRRTFLYFWEGAEPNSGLAPERYHVDGVYPQNDANVVTSGGSGFGI
(MSE)AILAGIDRGYVTREEGLAR(MSE)ERIVSFLEKADRFHGAYPHWWYGDTGKVKPFGQKDNGGDLVETAFL(MSE)
QGLLAVHQYYANGNDKEKAIAQRIDRLWREVDWDWYRKGGQNVLYWHWSPTYGWE(MSE)DFPIHGYNEC(MSE)I
(MSE)YILAAASPTHGVPAAVYHDGWAQNGAIVSPHKVEGIELHLRYQGTEAGPLFWAQYSFLGLDPVGLKDEYCPSYFH
E(MSE)RNLTLVNRAYCIRNPKHYKGFGPDCWGLTASYSVDGYAAHSPNEQDDKGVISPTAALSSIVYTPEYSLQV
(MSE)RHLYN(MSE)GDKVFGPFGFYDAFSETDNWYPQRYLAIDQGPIAV(MSE)IENYRTGLLWKLF(MSE)SHPDVQA
GLTKLGFNTNKQDVRQQ
;
_entity_poly.pdbx_strand_id   A,B
#
loop_
_chem_comp.id
_chem_comp.type
_chem_comp.name
_chem_comp.formula
ACT non-polymer 'ACETATE ION' 'C2 H3 O2 -1'
TRS non-polymer 2-AMINO-2-HYDROXYMETHYL-PROPANE-1,3-DIOL 'C4 H12 N O3 1'
#
# COMPACT_ATOMS: atom_id res chain seq x y z
N LEU A 19 -19.82 -28.66 -37.62
CA LEU A 19 -19.60 -28.26 -36.23
C LEU A 19 -19.17 -26.76 -36.15
N SER A 20 -20.04 -25.91 -35.57
CA SER A 20 -19.75 -24.48 -35.44
C SER A 20 -18.63 -24.22 -34.43
N ASP A 21 -18.02 -23.03 -34.51
CA ASP A 21 -16.97 -22.60 -33.58
C ASP A 21 -17.51 -22.62 -32.16
N ASP A 22 -18.77 -22.20 -31.97
CA ASP A 22 -19.43 -22.21 -30.66
C ASP A 22 -19.55 -23.64 -30.14
N ALA A 23 -20.02 -24.56 -31.00
CA ALA A 23 -20.16 -25.98 -30.70
C ALA A 23 -18.80 -26.61 -30.31
N LEU A 24 -17.75 -26.31 -31.08
CA LEU A 24 -16.40 -26.83 -30.84
C LEU A 24 -15.86 -26.30 -29.51
N MSE A 25 -16.05 -25.00 -29.24
CA MSE A 25 -15.60 -24.42 -27.98
C MSE A 25 -16.32 -25.03 -26.80
O MSE A 25 -15.68 -25.32 -25.79
CB MSE A 25 -15.76 -22.91 -27.99
CG MSE A 25 -14.75 -22.20 -28.90
SE MSE A 25 -14.86 -20.27 -28.66
CE MSE A 25 -16.61 -19.91 -29.49
N ASP A 26 -17.63 -25.28 -26.94
CA ASP A 26 -18.46 -25.89 -25.88
C ASP A 26 -17.90 -27.28 -25.48
N THR A 27 -17.63 -28.14 -26.48
CA THR A 27 -17.04 -29.47 -26.28
C THR A 27 -15.66 -29.39 -25.59
N VAL A 28 -14.75 -28.52 -26.10
CA VAL A 28 -13.39 -28.38 -25.54
C VAL A 28 -13.51 -27.90 -24.08
N GLN A 29 -14.41 -26.94 -23.82
CA GLN A 29 -14.64 -26.40 -22.47
C GLN A 29 -15.18 -27.46 -21.54
N ARG A 30 -16.27 -28.17 -21.94
CA ARG A 30 -16.87 -29.21 -21.11
CA ARG A 30 -16.88 -29.23 -21.13
C ARG A 30 -15.85 -30.28 -20.70
N ARG A 31 -15.04 -30.77 -21.66
CA ARG A 31 -14.05 -31.82 -21.36
C ARG A 31 -12.89 -31.31 -20.50
N THR A 32 -12.37 -30.11 -20.77
CA THR A 32 -11.25 -29.53 -20.00
C THR A 32 -11.68 -29.32 -18.56
N PHE A 33 -12.94 -28.88 -18.37
CA PHE A 33 -13.56 -28.72 -17.05
C PHE A 33 -13.52 -30.05 -16.28
N LEU A 34 -13.74 -31.21 -16.98
CA LEU A 34 -13.74 -32.51 -16.33
C LEU A 34 -12.36 -32.87 -15.71
N TYR A 35 -11.21 -32.28 -16.21
CA TYR A 35 -9.88 -32.49 -15.59
C TYR A 35 -9.98 -32.06 -14.13
N PHE A 36 -10.60 -30.91 -13.90
CA PHE A 36 -10.64 -30.31 -12.57
C PHE A 36 -11.84 -30.81 -11.75
N TRP A 37 -12.93 -31.22 -12.42
CA TRP A 37 -14.10 -31.74 -11.72
C TRP A 37 -13.89 -33.20 -11.34
N GLU A 38 -13.73 -34.08 -12.35
CA GLU A 38 -13.58 -35.54 -12.18
C GLU A 38 -12.14 -35.94 -11.86
N GLY A 39 -11.15 -35.23 -12.41
CA GLY A 39 -9.74 -35.57 -12.20
C GLY A 39 -9.11 -35.08 -10.91
N ALA A 40 -9.85 -34.30 -10.11
CA ALA A 40 -9.35 -33.71 -8.88
C ALA A 40 -8.95 -34.76 -7.84
N GLU A 41 -7.98 -34.40 -6.98
CA GLU A 41 -7.59 -35.26 -5.86
C GLU A 41 -8.82 -35.23 -4.89
N PRO A 42 -9.33 -36.43 -4.47
CA PRO A 42 -10.60 -36.47 -3.71
C PRO A 42 -10.70 -35.74 -2.38
N ASN A 43 -9.66 -35.84 -1.50
CA ASN A 43 -9.68 -35.19 -0.19
CA ASN A 43 -9.67 -35.17 -0.19
C ASN A 43 -9.73 -33.65 -0.33
N SER A 44 -8.83 -33.07 -1.12
CA SER A 44 -8.69 -31.63 -1.29
C SER A 44 -9.69 -31.01 -2.27
N GLY A 45 -10.13 -31.78 -3.27
CA GLY A 45 -10.98 -31.27 -4.34
C GLY A 45 -10.14 -30.47 -5.33
N LEU A 46 -8.81 -30.44 -5.09
CA LEU A 46 -7.84 -29.68 -5.88
C LEU A 46 -7.20 -30.48 -6.99
N ALA A 47 -6.57 -29.73 -7.89
CA ALA A 47 -5.93 -30.18 -9.10
C ALA A 47 -4.63 -30.92 -8.84
N PRO A 48 -4.51 -32.18 -9.28
CA PRO A 48 -3.20 -32.86 -9.18
C PRO A 48 -2.24 -32.23 -10.19
N GLU A 49 -0.93 -32.25 -9.92
CA GLU A 49 0.09 -31.72 -10.83
C GLU A 49 -0.14 -32.31 -12.24
N ARG A 50 -0.36 -33.63 -12.31
CA ARG A 50 -0.55 -34.40 -13.54
C ARG A 50 -1.64 -35.47 -13.44
N TYR A 51 -2.17 -35.88 -14.60
CA TYR A 51 -3.13 -36.96 -14.76
C TYR A 51 -2.70 -37.81 -15.94
N HIS A 52 -2.38 -39.07 -15.68
CA HIS A 52 -1.92 -40.01 -16.71
C HIS A 52 -3.01 -41.05 -16.97
N VAL A 53 -3.61 -41.03 -18.19
CA VAL A 53 -4.67 -41.97 -18.58
C VAL A 53 -4.17 -43.42 -18.46
N ASP A 54 -2.86 -43.65 -18.71
CA ASP A 54 -2.19 -44.96 -18.66
C ASP A 54 -2.04 -45.52 -17.24
N GLY A 55 -2.18 -44.66 -16.22
CA GLY A 55 -2.07 -45.03 -14.81
C GLY A 55 -0.65 -45.19 -14.29
N VAL A 56 0.35 -44.84 -15.13
CA VAL A 56 1.77 -44.98 -14.81
C VAL A 56 2.33 -43.60 -14.44
N TYR A 57 2.77 -43.48 -13.18
CA TYR A 57 3.32 -42.26 -12.61
C TYR A 57 4.79 -42.48 -12.22
N PRO A 58 5.75 -41.98 -13.05
CA PRO A 58 7.19 -42.18 -12.71
C PRO A 58 7.58 -41.68 -11.32
N GLN A 59 6.97 -40.56 -10.85
CA GLN A 59 7.27 -40.02 -9.54
C GLN A 59 6.29 -40.54 -8.46
N ASN A 60 5.36 -41.45 -8.85
CA ASN A 60 4.33 -42.05 -7.99
C ASN A 60 3.62 -40.94 -7.20
N ASP A 61 3.17 -39.90 -7.93
CA ASP A 61 2.62 -38.67 -7.36
C ASP A 61 1.22 -38.32 -7.84
N ALA A 62 0.37 -39.32 -8.10
CA ALA A 62 -1.02 -39.11 -8.53
C ALA A 62 -1.80 -38.19 -7.57
N ASN A 63 -1.48 -38.24 -6.26
CA ASN A 63 -2.16 -37.49 -5.19
C ASN A 63 -1.51 -36.15 -4.86
N VAL A 64 -0.43 -35.78 -5.57
CA VAL A 64 0.29 -34.52 -5.36
C VAL A 64 -0.46 -33.42 -6.09
N VAL A 65 -0.94 -32.42 -5.32
CA VAL A 65 -1.70 -31.27 -5.81
C VAL A 65 -0.78 -30.06 -5.95
N THR A 66 -1.04 -29.27 -6.99
CA THR A 66 -0.25 -28.08 -7.31
C THR A 66 -1.06 -26.83 -6.91
N SER A 67 -0.44 -25.88 -6.22
CA SER A 67 -1.12 -24.67 -5.80
C SER A 67 -1.48 -23.78 -6.99
N GLY A 68 -0.51 -23.48 -7.87
CA GLY A 68 -0.72 -22.62 -9.03
C GLY A 68 -1.78 -23.15 -9.97
N GLY A 69 -1.63 -24.43 -10.38
CA GLY A 69 -2.57 -25.12 -11.25
C GLY A 69 -3.97 -25.17 -10.67
N SER A 70 -4.06 -25.23 -9.32
CA SER A 70 -5.33 -25.25 -8.61
C SER A 70 -6.04 -23.89 -8.71
N GLY A 71 -5.28 -22.78 -8.80
CA GLY A 71 -5.84 -21.45 -9.02
C GLY A 71 -6.55 -21.38 -10.37
N PHE A 72 -5.89 -21.93 -11.41
CA PHE A 72 -6.45 -22.07 -12.75
C PHE A 72 -7.66 -22.98 -12.73
N GLY A 73 -7.55 -24.06 -11.97
CA GLY A 73 -8.59 -25.08 -11.82
C GLY A 73 -9.85 -24.59 -11.14
N ILE A 74 -9.69 -23.78 -10.10
CA ILE A 74 -10.77 -23.15 -9.35
C ILE A 74 -11.58 -22.24 -10.32
N MSE A 75 -10.87 -21.47 -11.21
CA MSE A 75 -11.45 -20.58 -12.24
C MSE A 75 -12.15 -21.40 -13.30
O MSE A 75 -13.21 -21.03 -13.78
CB MSE A 75 -10.35 -19.70 -12.87
CG MSE A 75 -9.83 -18.65 -11.94
SE MSE A 75 -8.35 -17.70 -12.77
CE MSE A 75 -9.04 -15.84 -12.57
N ALA A 76 -11.56 -22.55 -13.63
CA ALA A 76 -12.17 -23.50 -14.56
C ALA A 76 -13.48 -24.07 -13.95
N ILE A 77 -13.51 -24.36 -12.64
CA ILE A 77 -14.70 -24.88 -11.97
C ILE A 77 -15.79 -23.78 -11.91
N LEU A 78 -15.38 -22.51 -11.64
CA LEU A 78 -16.24 -21.32 -11.59
C LEU A 78 -16.98 -21.11 -12.94
N ALA A 79 -16.26 -21.21 -14.04
CA ALA A 79 -16.83 -21.12 -15.38
C ALA A 79 -17.86 -22.26 -15.62
N GLY A 80 -17.57 -23.45 -15.10
CA GLY A 80 -18.45 -24.62 -15.20
C GLY A 80 -19.75 -24.43 -14.43
N ILE A 81 -19.65 -23.90 -13.21
CA ILE A 81 -20.80 -23.58 -12.38
C ILE A 81 -21.67 -22.56 -13.12
N ASP A 82 -21.05 -21.49 -13.66
CA ASP A 82 -21.78 -20.43 -14.36
C ASP A 82 -22.51 -20.94 -15.59
N ARG A 83 -21.93 -21.91 -16.31
CA ARG A 83 -22.55 -22.48 -17.51
C ARG A 83 -23.57 -23.57 -17.17
N GLY A 84 -23.55 -24.07 -15.95
CA GLY A 84 -24.47 -25.12 -15.54
C GLY A 84 -23.98 -26.54 -15.83
N TYR A 85 -22.66 -26.73 -15.87
CA TYR A 85 -22.02 -28.05 -16.03
C TYR A 85 -22.33 -28.89 -14.76
N VAL A 86 -22.33 -28.23 -13.61
CA VAL A 86 -22.68 -28.78 -12.30
C VAL A 86 -23.72 -27.86 -11.69
N THR A 87 -24.50 -28.35 -10.70
CA THR A 87 -25.50 -27.50 -10.04
C THR A 87 -24.83 -26.48 -9.10
N ARG A 88 -25.55 -25.43 -8.73
CA ARG A 88 -25.10 -24.39 -7.78
C ARG A 88 -24.65 -25.04 -6.45
N GLU A 89 -25.43 -26.04 -5.96
CA GLU A 89 -25.20 -26.79 -4.72
C GLU A 89 -23.93 -27.63 -4.82
N GLU A 90 -23.73 -28.34 -5.95
CA GLU A 90 -22.52 -29.14 -6.21
C GLU A 90 -21.25 -28.27 -6.26
N GLY A 91 -21.32 -27.13 -6.95
CA GLY A 91 -20.21 -26.22 -7.07
C GLY A 91 -19.79 -25.63 -5.73
N LEU A 92 -20.77 -25.30 -4.89
CA LEU A 92 -20.52 -24.76 -3.54
C LEU A 92 -19.92 -25.85 -2.66
N ALA A 93 -20.39 -27.11 -2.81
CA ALA A 93 -19.81 -28.22 -2.04
C ALA A 93 -18.31 -28.38 -2.42
N ARG A 94 -17.94 -28.22 -3.73
CA ARG A 94 -16.54 -28.32 -4.14
C ARG A 94 -15.70 -27.16 -3.59
N MSE A 95 -16.20 -25.90 -3.71
CA MSE A 95 -15.48 -24.72 -3.20
C MSE A 95 -15.22 -24.84 -1.71
O MSE A 95 -14.13 -24.53 -1.26
CB MSE A 95 -16.25 -23.40 -3.50
CG MSE A 95 -16.33 -23.06 -5.00
SE MSE A 95 -14.63 -23.25 -6.02
CE MSE A 95 -15.27 -22.60 -7.73
N GLU A 96 -16.22 -25.32 -0.94
CA GLU A 96 -16.11 -25.52 0.52
CA GLU A 96 -16.12 -25.51 0.51
C GLU A 96 -14.99 -26.52 0.82
N ARG A 97 -14.97 -27.66 0.10
CA ARG A 97 -13.95 -28.69 0.25
C ARG A 97 -12.56 -28.07 -0.02
N ILE A 98 -12.40 -27.29 -1.12
CA ILE A 98 -11.13 -26.64 -1.47
C ILE A 98 -10.68 -25.65 -0.35
N VAL A 99 -11.58 -24.75 0.07
CA VAL A 99 -11.28 -23.77 1.12
C VAL A 99 -10.88 -24.51 2.45
N SER A 100 -11.58 -25.60 2.81
CA SER A 100 -11.26 -26.35 4.04
C SER A 100 -9.84 -26.92 3.96
N PHE A 101 -9.45 -27.45 2.78
CA PHE A 101 -8.08 -27.97 2.56
C PHE A 101 -7.06 -26.83 2.69
N LEU A 102 -7.30 -25.68 2.06
CA LEU A 102 -6.36 -24.54 2.09
C LEU A 102 -6.21 -23.93 3.48
N GLU A 103 -7.26 -24.05 4.33
CA GLU A 103 -7.22 -23.52 5.70
C GLU A 103 -6.33 -24.40 6.56
N LYS A 104 -6.15 -25.68 6.17
CA LYS A 104 -5.38 -26.69 6.91
C LYS A 104 -3.98 -26.99 6.36
N ALA A 105 -3.79 -26.90 5.02
CA ALA A 105 -2.54 -27.26 4.33
C ALA A 105 -1.39 -26.37 4.77
N ASP A 106 -0.15 -26.87 4.68
CA ASP A 106 1.08 -26.14 5.04
C ASP A 106 1.21 -24.81 4.32
N ARG A 107 1.57 -23.78 5.10
CA ARG A 107 1.78 -22.38 4.67
CA ARG A 107 1.81 -22.41 4.64
C ARG A 107 3.09 -21.89 5.27
N PHE A 108 3.75 -20.93 4.59
CA PHE A 108 5.05 -20.37 4.95
C PHE A 108 4.94 -18.88 4.82
N HIS A 109 4.73 -18.22 5.98
CA HIS A 109 4.46 -16.78 6.12
C HIS A 109 3.23 -16.44 5.26
N GLY A 110 2.21 -17.29 5.35
CA GLY A 110 0.96 -17.14 4.61
C GLY A 110 0.99 -17.59 3.17
N ALA A 111 2.19 -17.80 2.60
CA ALA A 111 2.32 -18.23 1.21
C ALA A 111 2.20 -19.77 1.12
N TYR A 112 1.72 -20.25 -0.03
CA TYR A 112 1.55 -21.69 -0.21
CA TYR A 112 1.53 -21.69 -0.27
C TYR A 112 2.75 -22.29 -0.94
N PRO A 113 3.09 -23.59 -0.68
CA PRO A 113 4.21 -24.20 -1.42
C PRO A 113 3.79 -24.53 -2.85
N HIS A 114 4.75 -24.93 -3.71
CA HIS A 114 4.43 -25.40 -5.08
C HIS A 114 3.49 -26.62 -5.02
N TRP A 115 3.82 -27.59 -4.17
CA TRP A 115 3.08 -28.84 -4.03
C TRP A 115 2.74 -29.22 -2.60
N TRP A 116 1.64 -29.96 -2.44
CA TRP A 116 1.25 -30.70 -1.25
C TRP A 116 0.84 -32.10 -1.64
N TYR A 117 0.81 -32.98 -0.66
CA TYR A 117 0.17 -34.28 -0.77
C TYR A 117 -1.27 -33.94 -0.44
N GLY A 118 -2.17 -34.17 -1.41
CA GLY A 118 -3.59 -33.81 -1.32
C GLY A 118 -4.38 -34.44 -0.19
N ASP A 119 -3.91 -35.59 0.31
CA ASP A 119 -4.58 -36.31 1.39
C ASP A 119 -4.19 -35.81 2.77
N THR A 120 -3.00 -35.20 2.95
CA THR A 120 -2.54 -34.72 4.26
C THR A 120 -2.34 -33.20 4.32
N GLY A 121 -2.12 -32.55 3.18
CA GLY A 121 -1.88 -31.12 3.13
C GLY A 121 -0.46 -30.76 3.52
N LYS A 122 0.41 -31.76 3.62
CA LYS A 122 1.83 -31.55 3.93
C LYS A 122 2.58 -31.19 2.65
N VAL A 123 3.53 -30.25 2.74
CA VAL A 123 4.34 -29.83 1.61
C VAL A 123 5.11 -31.02 0.98
N LYS A 124 5.24 -31.00 -0.35
CA LYS A 124 6.10 -31.92 -1.05
C LYS A 124 7.16 -31.03 -1.69
N PRO A 125 8.44 -31.17 -1.26
CA PRO A 125 9.49 -30.31 -1.83
C PRO A 125 9.53 -30.42 -3.35
N PHE A 126 9.60 -29.26 -4.06
CA PHE A 126 9.63 -29.25 -5.52
C PHE A 126 11.09 -29.45 -6.01
N GLY A 127 12.01 -29.40 -5.06
CA GLY A 127 13.45 -29.57 -5.16
C GLY A 127 13.94 -29.57 -3.72
N GLN A 128 15.14 -30.09 -3.42
CA GLN A 128 15.65 -30.18 -2.04
C GLN A 128 15.40 -28.90 -1.19
N LYS A 129 15.96 -27.78 -1.63
CA LYS A 129 15.87 -26.52 -0.91
C LYS A 129 14.55 -25.76 -1.20
N ASP A 130 13.70 -26.27 -2.10
CA ASP A 130 12.39 -25.68 -2.40
C ASP A 130 11.33 -26.48 -1.62
N ASN A 131 11.37 -26.36 -0.28
CA ASN A 131 10.49 -27.09 0.66
C ASN A 131 9.60 -26.11 1.47
N GLY A 132 9.46 -24.89 0.99
CA GLY A 132 8.69 -23.90 1.72
C GLY A 132 7.73 -23.17 0.83
N GLY A 133 7.63 -21.88 1.01
CA GLY A 133 6.75 -21.05 0.21
C GLY A 133 7.31 -20.80 -1.17
N ASP A 134 6.40 -20.69 -2.13
CA ASP A 134 6.61 -20.36 -3.54
C ASP A 134 5.64 -19.23 -3.83
N LEU A 135 6.13 -17.98 -3.89
CA LEU A 135 5.24 -16.82 -4.02
C LEU A 135 4.55 -16.67 -5.40
N VAL A 136 5.19 -17.17 -6.44
CA VAL A 136 4.63 -17.16 -7.80
C VAL A 136 3.41 -18.07 -7.84
N GLU A 137 3.54 -19.28 -7.31
CA GLU A 137 2.47 -20.26 -7.24
C GLU A 137 1.33 -19.76 -6.34
N THR A 138 1.67 -19.06 -5.26
CA THR A 138 0.70 -18.45 -4.34
C THR A 138 -0.15 -17.39 -5.09
N ALA A 139 0.51 -16.61 -5.95
CA ALA A 139 -0.13 -15.55 -6.73
C ALA A 139 -1.16 -16.13 -7.71
N PHE A 140 -0.82 -17.24 -8.41
CA PHE A 140 -1.72 -17.95 -9.34
C PHE A 140 -2.90 -18.55 -8.57
N LEU A 141 -2.69 -19.04 -7.38
CA LEU A 141 -3.80 -19.55 -6.56
C LEU A 141 -4.72 -18.40 -6.13
N MSE A 142 -4.11 -17.28 -5.67
CA MSE A 142 -4.88 -16.14 -5.17
C MSE A 142 -5.66 -15.46 -6.29
O MSE A 142 -6.78 -15.05 -6.06
CB MSE A 142 -3.99 -15.13 -4.44
CG MSE A 142 -3.53 -15.60 -3.08
SE MSE A 142 -5.01 -15.90 -1.87
CE MSE A 142 -6.41 -14.73 -2.58
N GLN A 143 -5.10 -15.41 -7.52
CA GLN A 143 -5.82 -14.84 -8.67
C GLN A 143 -7.18 -15.62 -8.86
N GLY A 144 -7.13 -16.94 -8.71
CA GLY A 144 -8.32 -17.78 -8.78
C GLY A 144 -9.26 -17.58 -7.60
N LEU A 145 -8.72 -17.57 -6.38
CA LEU A 145 -9.54 -17.42 -5.17
C LEU A 145 -10.25 -16.04 -5.12
N LEU A 146 -9.59 -14.95 -5.57
CA LEU A 146 -10.24 -13.64 -5.57
C LEU A 146 -11.41 -13.60 -6.55
N ALA A 147 -11.32 -14.35 -7.66
CA ALA A 147 -12.40 -14.51 -8.64
C ALA A 147 -13.62 -15.23 -7.98
N VAL A 148 -13.39 -16.32 -7.23
CA VAL A 148 -14.48 -17.06 -6.52
C VAL A 148 -15.07 -16.15 -5.45
N HIS A 149 -14.20 -15.41 -4.76
CA HIS A 149 -14.61 -14.44 -3.73
C HIS A 149 -15.66 -13.47 -4.32
N GLN A 150 -15.36 -12.90 -5.50
CA GLN A 150 -16.25 -11.94 -6.17
C GLN A 150 -17.51 -12.61 -6.71
N TYR A 151 -17.41 -13.88 -7.11
CA TYR A 151 -18.56 -14.62 -7.59
C TYR A 151 -19.57 -14.88 -6.46
N TYR A 152 -19.08 -15.20 -5.25
CA TYR A 152 -19.91 -15.53 -4.08
C TYR A 152 -20.19 -14.36 -3.11
N ALA A 153 -19.49 -13.22 -3.25
CA ALA A 153 -19.62 -12.06 -2.34
C ALA A 153 -21.04 -11.54 -2.20
N ASN A 154 -21.86 -11.66 -3.24
CA ASN A 154 -23.24 -11.17 -3.16
C ASN A 154 -24.25 -12.31 -3.32
N GLY A 155 -23.82 -13.55 -3.09
CA GLY A 155 -24.68 -14.72 -3.18
C GLY A 155 -25.58 -14.93 -1.98
N ASN A 156 -25.99 -16.18 -1.72
CA ASN A 156 -26.81 -16.46 -0.56
C ASN A 156 -25.90 -16.47 0.70
N ASP A 157 -26.48 -16.65 1.90
CA ASP A 157 -25.73 -16.64 3.16
C ASP A 157 -24.59 -17.68 3.22
N LYS A 158 -24.81 -18.88 2.65
CA LYS A 158 -23.81 -19.94 2.65
C LYS A 158 -22.66 -19.60 1.71
N GLU A 159 -22.97 -18.96 0.57
CA GLU A 159 -22.00 -18.48 -0.41
C GLU A 159 -21.16 -17.34 0.17
N LYS A 160 -21.82 -16.34 0.84
CA LYS A 160 -21.14 -15.21 1.49
C LYS A 160 -20.20 -15.71 2.61
N ALA A 161 -20.58 -16.77 3.35
CA ALA A 161 -19.72 -17.35 4.39
C ALA A 161 -18.46 -17.97 3.74
N ILE A 162 -18.61 -18.57 2.55
CA ILE A 162 -17.50 -19.14 1.80
C ILE A 162 -16.56 -18.02 1.39
N ALA A 163 -17.12 -16.88 0.88
CA ALA A 163 -16.34 -15.71 0.46
C ALA A 163 -15.52 -15.15 1.64
N GLN A 164 -16.15 -15.04 2.83
CA GLN A 164 -15.50 -14.53 4.04
C GLN A 164 -14.28 -15.40 4.41
N ARG A 165 -14.38 -16.73 4.24
CA ARG A 165 -13.28 -17.66 4.52
C ARG A 165 -12.15 -17.46 3.51
N ILE A 166 -12.49 -17.15 2.25
CA ILE A 166 -11.52 -16.88 1.20
C ILE A 166 -10.76 -15.57 1.51
N ASP A 167 -11.51 -14.52 1.90
CA ASP A 167 -10.89 -13.22 2.24
C ASP A 167 -9.90 -13.38 3.39
N ARG A 168 -10.18 -14.25 4.37
CA ARG A 168 -9.26 -14.51 5.47
C ARG A 168 -7.93 -15.13 4.94
N LEU A 169 -8.00 -16.11 3.99
CA LEU A 169 -6.81 -16.72 3.42
C LEU A 169 -6.00 -15.71 2.65
N TRP A 170 -6.68 -14.84 1.86
CA TRP A 170 -6.10 -13.75 1.07
C TRP A 170 -5.39 -12.77 2.04
N ARG A 171 -6.07 -12.38 3.14
CA ARG A 171 -5.48 -11.44 4.12
C ARG A 171 -4.29 -12.04 4.89
N GLU A 172 -4.16 -13.38 4.91
CA GLU A 172 -3.10 -14.05 5.64
CA GLU A 172 -3.10 -14.07 5.63
C GLU A 172 -1.80 -14.16 4.81
N VAL A 173 -1.87 -13.95 3.48
CA VAL A 173 -0.61 -14.02 2.68
C VAL A 173 0.29 -12.83 2.99
N ASP A 174 1.48 -13.12 3.59
CA ASP A 174 2.42 -12.05 3.93
C ASP A 174 3.39 -11.79 2.76
N TRP A 175 2.91 -11.05 1.73
CA TRP A 175 3.72 -10.75 0.53
C TRP A 175 4.99 -9.97 0.94
N ASP A 176 4.85 -9.04 1.90
CA ASP A 176 5.92 -8.18 2.37
C ASP A 176 7.08 -8.99 2.95
N TRP A 177 6.81 -10.12 3.59
CA TRP A 177 7.87 -10.98 4.12
C TRP A 177 8.88 -11.37 3.01
N TYR A 178 8.37 -11.65 1.81
CA TYR A 178 9.15 -12.13 0.68
C TYR A 178 10.01 -11.03 0.03
N ARG A 179 10.10 -9.83 0.66
CA ARG A 179 10.99 -8.77 0.24
C ARG A 179 12.36 -9.00 0.91
N LYS A 180 12.47 -10.07 1.75
CA LYS A 180 13.72 -10.47 2.46
C LYS A 180 14.28 -9.28 3.27
N GLY A 181 13.56 -8.88 4.30
CA GLY A 181 13.97 -7.77 5.16
C GLY A 181 13.88 -6.37 4.56
N GLY A 182 12.88 -6.12 3.71
CA GLY A 182 12.64 -4.78 3.16
C GLY A 182 13.32 -4.38 1.86
N GLN A 183 13.74 -5.34 1.05
CA GLN A 183 14.35 -4.98 -0.24
C GLN A 183 13.23 -4.53 -1.19
N ASN A 184 13.55 -3.82 -2.27
CA ASN A 184 12.53 -3.37 -3.23
C ASN A 184 12.43 -4.36 -4.40
N VAL A 185 12.07 -5.60 -4.05
CA VAL A 185 11.93 -6.74 -4.98
C VAL A 185 11.26 -7.86 -4.20
N LEU A 186 10.63 -8.79 -4.91
CA LEU A 186 10.03 -9.97 -4.30
C LEU A 186 10.84 -11.20 -4.65
N TYR A 187 11.16 -12.03 -3.66
CA TYR A 187 11.86 -13.30 -3.86
C TYR A 187 10.85 -14.41 -4.11
N TRP A 188 11.20 -15.36 -5.00
CA TRP A 188 10.33 -16.45 -5.38
C TRP A 188 10.04 -17.40 -4.19
N HIS A 189 11.10 -17.76 -3.42
CA HIS A 189 11.01 -18.73 -2.34
C HIS A 189 11.50 -18.29 -0.99
N TRP A 190 11.00 -19.01 0.01
CA TRP A 190 11.39 -18.92 1.41
C TRP A 190 11.18 -20.29 2.03
N SER A 191 12.22 -20.75 2.73
CA SER A 191 12.19 -22.05 3.39
C SER A 191 12.39 -21.91 4.90
N PRO A 192 11.65 -22.67 5.73
CA PRO A 192 11.90 -22.62 7.19
C PRO A 192 13.26 -23.25 7.56
N THR A 193 13.82 -24.13 6.70
CA THR A 193 15.07 -24.84 6.93
CA THR A 193 15.09 -24.79 6.98
C THR A 193 16.24 -24.17 6.20
N TYR A 194 16.05 -23.84 4.92
CA TYR A 194 17.13 -23.27 4.12
C TYR A 194 17.07 -21.72 3.96
N GLY A 195 16.09 -21.06 4.58
CA GLY A 195 15.92 -19.61 4.53
C GLY A 195 15.73 -19.06 3.13
N TRP A 196 16.65 -18.15 2.73
CA TRP A 196 16.66 -17.49 1.42
C TRP A 196 17.64 -18.14 0.42
N GLU A 197 18.18 -19.36 0.70
CA GLU A 197 19.20 -20.06 -0.13
C GLU A 197 18.83 -20.27 -1.62
N MSE A 198 17.53 -20.31 -1.98
CA MSE A 198 17.12 -20.40 -3.40
C MSE A 198 17.52 -19.13 -4.12
O MSE A 198 17.80 -19.16 -5.31
CB MSE A 198 15.62 -20.68 -3.55
CG MSE A 198 15.20 -22.07 -3.06
SE MSE A 198 15.58 -23.45 -4.34
CE MSE A 198 17.52 -23.70 -4.04
N ASP A 199 17.54 -18.00 -3.39
CA ASP A 199 17.99 -16.68 -3.84
C ASP A 199 17.56 -16.33 -5.28
N PHE A 200 16.24 -16.20 -5.50
CA PHE A 200 15.72 -15.84 -6.81
C PHE A 200 14.87 -14.55 -6.72
N PRO A 201 15.46 -13.34 -6.81
CA PRO A 201 14.63 -12.10 -6.84
C PRO A 201 13.95 -12.03 -8.22
N ILE A 202 12.63 -11.72 -8.31
CA ILE A 202 11.95 -11.77 -9.62
CA ILE A 202 11.90 -11.75 -9.59
C ILE A 202 11.96 -10.44 -10.37
N HIS A 203 12.60 -10.47 -11.54
CA HIS A 203 12.69 -9.31 -12.43
C HIS A 203 11.89 -9.61 -13.70
N GLY A 204 11.19 -8.61 -14.26
CA GLY A 204 10.42 -8.85 -15.47
C GLY A 204 11.23 -8.76 -16.75
N TYR A 205 10.68 -9.16 -17.91
CA TYR A 205 9.34 -9.72 -18.02
C TYR A 205 9.42 -11.23 -18.04
N ASN A 206 8.48 -11.87 -17.36
CA ASN A 206 8.29 -13.33 -17.32
C ASN A 206 6.81 -13.56 -16.93
N GLU A 207 6.42 -14.78 -16.66
CA GLU A 207 5.02 -15.13 -16.33
C GLU A 207 4.51 -14.57 -14.96
N CYS A 208 5.37 -13.91 -14.15
CA CYS A 208 5.08 -13.56 -12.75
C CYS A 208 4.51 -12.16 -12.48
N MSE A 209 4.03 -11.38 -13.49
CA MSE A 209 3.56 -10.01 -13.23
C MSE A 209 2.43 -9.92 -12.16
O MSE A 209 2.52 -9.06 -11.29
CB MSE A 209 3.12 -9.28 -14.51
CG MSE A 209 2.89 -7.77 -14.29
SE MSE A 209 2.71 -6.85 -16.00
CE MSE A 209 0.86 -7.20 -16.34
N ILE A 210 1.39 -10.79 -12.23
CA ILE A 210 0.26 -10.80 -11.32
C ILE A 210 0.72 -10.93 -9.83
N MSE A 211 1.89 -11.55 -9.61
CA MSE A 211 2.43 -11.67 -8.24
C MSE A 211 2.75 -10.27 -7.63
O MSE A 211 2.45 -10.04 -6.48
CB MSE A 211 3.66 -12.59 -8.24
CG MSE A 211 4.22 -12.83 -6.84
SE MSE A 211 6.07 -13.39 -6.98
CE MSE A 211 6.74 -12.04 -8.13
N TYR A 212 3.34 -9.36 -8.43
CA TYR A 212 3.60 -7.98 -8.01
C TYR A 212 2.30 -7.19 -7.88
N ILE A 213 1.31 -7.41 -8.79
CA ILE A 213 0.01 -6.68 -8.69
C ILE A 213 -0.71 -7.08 -7.38
N LEU A 214 -0.78 -8.38 -7.07
CA LEU A 214 -1.42 -8.88 -5.82
C LEU A 214 -0.62 -8.48 -4.57
N ALA A 215 0.74 -8.44 -4.67
CA ALA A 215 1.58 -7.99 -3.57
C ALA A 215 1.25 -6.54 -3.21
N ALA A 216 0.99 -5.69 -4.21
CA ALA A 216 0.62 -4.28 -4.04
C ALA A 216 -0.84 -4.12 -3.60
N ALA A 217 -1.70 -5.09 -3.94
CA ALA A 217 -3.15 -5.09 -3.64
C ALA A 217 -3.48 -5.52 -2.21
N SER A 218 -2.58 -6.28 -1.55
CA SER A 218 -2.87 -6.86 -0.23
C SER A 218 -3.36 -5.81 0.76
N PRO A 219 -4.55 -6.05 1.37
CA PRO A 219 -5.09 -5.07 2.30
C PRO A 219 -4.41 -5.16 3.69
N THR A 220 -3.51 -6.15 3.88
CA THR A 220 -2.86 -6.34 5.20
C THR A 220 -1.32 -6.33 5.13
N HIS A 221 -0.75 -7.01 4.12
CA HIS A 221 0.70 -7.12 3.99
C HIS A 221 1.17 -6.66 2.63
N GLY A 222 0.55 -5.59 2.15
CA GLY A 222 0.86 -4.97 0.85
C GLY A 222 2.27 -4.40 0.80
N VAL A 223 2.86 -4.40 -0.38
CA VAL A 223 4.22 -3.91 -0.54
C VAL A 223 4.23 -2.47 -1.09
N PRO A 224 5.31 -1.68 -0.80
CA PRO A 224 5.43 -0.34 -1.42
C PRO A 224 5.50 -0.41 -2.96
N ALA A 225 5.10 0.68 -3.67
CA ALA A 225 5.18 0.71 -5.14
C ALA A 225 6.61 0.53 -5.63
N ALA A 226 7.61 0.96 -4.82
CA ALA A 226 9.04 0.85 -5.16
C ALA A 226 9.43 -0.62 -5.45
N VAL A 227 8.77 -1.56 -4.80
CA VAL A 227 9.00 -3.01 -5.00
C VAL A 227 8.72 -3.36 -6.46
N TYR A 228 7.65 -2.81 -7.07
CA TYR A 228 7.31 -3.02 -8.49
C TYR A 228 8.25 -2.25 -9.43
N HIS A 229 8.52 -0.95 -9.16
CA HIS A 229 9.34 -0.10 -10.03
C HIS A 229 10.84 -0.45 -9.97
N ASP A 230 11.39 -0.75 -8.77
CA ASP A 230 12.82 -1.12 -8.62
C ASP A 230 13.06 -2.61 -8.90
N GLY A 231 12.16 -3.49 -8.47
CA GLY A 231 12.29 -4.94 -8.60
C GLY A 231 11.77 -5.55 -9.88
N TRP A 232 10.45 -5.47 -10.12
CA TRP A 232 9.92 -6.04 -11.36
C TRP A 232 10.42 -5.32 -12.64
N ALA A 233 10.28 -3.98 -12.67
CA ALA A 233 10.62 -3.17 -13.82
C ALA A 233 12.09 -2.75 -13.89
N GLN A 234 12.84 -2.91 -12.78
CA GLN A 234 14.24 -2.48 -12.65
C GLN A 234 14.44 -1.06 -13.25
N ASN A 235 13.54 -0.14 -12.85
CA ASN A 235 13.48 1.29 -13.18
C ASN A 235 13.46 1.56 -14.69
N GLY A 236 12.71 0.75 -15.43
CA GLY A 236 12.62 0.93 -16.87
C GLY A 236 13.46 0.00 -17.71
N ALA A 237 14.38 -0.78 -17.11
CA ALA A 237 15.20 -1.77 -17.85
C ALA A 237 14.32 -2.87 -18.53
N ILE A 238 13.06 -3.04 -18.09
CA ILE A 238 12.10 -4.02 -18.64
C ILE A 238 11.63 -3.57 -20.04
N VAL A 239 11.84 -2.31 -20.40
CA VAL A 239 11.48 -1.76 -21.70
C VAL A 239 12.68 -1.93 -22.60
N SER A 240 12.57 -2.80 -23.64
CA SER A 240 13.68 -3.05 -24.55
C SER A 240 13.12 -3.45 -25.92
N PRO A 241 12.61 -2.47 -26.71
CA PRO A 241 12.03 -2.83 -28.00
C PRO A 241 13.00 -3.57 -28.94
N HIS A 242 12.54 -4.71 -29.49
CA HIS A 242 13.32 -5.52 -30.43
C HIS A 242 12.37 -6.32 -31.33
N LYS A 243 12.87 -6.78 -32.47
CA LYS A 243 12.09 -7.55 -33.42
C LYS A 243 12.44 -9.02 -33.34
N VAL A 244 11.41 -9.87 -33.44
CA VAL A 244 11.51 -11.33 -33.43
C VAL A 244 10.56 -11.79 -34.52
N GLU A 245 11.05 -12.57 -35.51
CA GLU A 245 10.26 -13.10 -36.63
C GLU A 245 9.58 -11.94 -37.41
N GLY A 246 10.24 -10.77 -37.46
CA GLY A 246 9.76 -9.56 -38.12
C GLY A 246 8.66 -8.84 -37.36
N ILE A 247 8.40 -9.26 -36.08
CA ILE A 247 7.35 -8.70 -35.23
C ILE A 247 7.98 -7.94 -34.08
N GLU A 248 7.43 -6.77 -33.79
CA GLU A 248 7.95 -5.88 -32.76
C GLU A 248 7.46 -6.28 -31.37
N LEU A 249 8.42 -6.52 -30.45
CA LEU A 249 8.13 -6.76 -29.02
C LEU A 249 8.68 -5.55 -28.22
N HIS A 250 7.90 -5.06 -27.25
CA HIS A 250 8.26 -3.85 -26.48
C HIS A 250 9.11 -4.13 -25.24
N LEU A 251 8.91 -5.30 -24.61
CA LEU A 251 9.55 -5.62 -23.35
C LEU A 251 10.81 -6.47 -23.46
N ARG A 252 11.62 -6.43 -22.38
CA ARG A 252 12.78 -7.28 -22.19
C ARG A 252 12.27 -8.60 -21.57
N TYR A 253 12.40 -9.71 -22.31
CA TYR A 253 12.01 -11.04 -21.83
C TYR A 253 13.23 -11.64 -21.12
N GLN A 254 13.03 -12.20 -19.94
CA GLN A 254 14.12 -12.72 -19.14
C GLN A 254 14.86 -13.88 -19.80
N GLY A 255 16.12 -13.64 -20.18
CA GLY A 255 16.99 -14.66 -20.77
C GLY A 255 16.60 -15.19 -22.14
N THR A 256 15.81 -14.41 -22.92
CA THR A 256 15.30 -14.81 -24.23
C THR A 256 14.82 -13.59 -25.05
N GLU A 257 14.74 -13.75 -26.40
CA GLU A 257 14.19 -12.70 -27.27
C GLU A 257 12.66 -12.75 -27.22
N ALA A 258 12.09 -13.94 -26.95
CA ALA A 258 10.63 -14.20 -26.89
C ALA A 258 10.37 -15.47 -26.10
N GLY A 259 9.72 -15.34 -24.97
CA GLY A 259 9.50 -16.48 -24.10
C GLY A 259 8.47 -17.50 -24.58
N PRO A 260 8.32 -18.60 -23.79
CA PRO A 260 7.27 -19.58 -24.10
C PRO A 260 5.91 -18.89 -23.98
N LEU A 261 4.94 -19.32 -24.81
CA LEU A 261 3.66 -18.63 -24.90
C LEU A 261 2.88 -18.53 -23.56
N PHE A 262 3.11 -19.40 -22.56
CA PHE A 262 2.37 -19.30 -21.28
C PHE A 262 2.65 -17.97 -20.54
N TRP A 263 3.78 -17.30 -20.86
CA TRP A 263 4.15 -16.00 -20.27
C TRP A 263 3.15 -14.90 -20.63
N ALA A 264 2.39 -15.09 -21.73
CA ALA A 264 1.36 -14.16 -22.22
C ALA A 264 -0.02 -14.51 -21.65
N GLN A 265 -0.13 -15.61 -20.87
CA GLN A 265 -1.41 -16.15 -20.43
C GLN A 265 -1.66 -16.20 -18.93
N TYR A 266 -0.74 -16.77 -18.12
CA TYR A 266 -0.96 -17.01 -16.66
C TYR A 266 -1.38 -15.75 -15.87
N SER A 267 -0.66 -14.61 -16.07
CA SER A 267 -0.99 -13.37 -15.34
C SER A 267 -2.20 -12.67 -15.95
N PHE A 268 -2.78 -13.19 -17.05
CA PHE A 268 -3.91 -12.53 -17.70
C PHE A 268 -5.19 -13.37 -17.69
N LEU A 269 -5.29 -14.34 -16.77
CA LEU A 269 -6.50 -15.17 -16.60
C LEU A 269 -7.57 -14.38 -15.88
N GLY A 270 -7.15 -13.61 -14.87
CA GLY A 270 -8.01 -12.74 -14.09
C GLY A 270 -7.77 -11.30 -14.46
N LEU A 271 -6.48 -10.92 -14.54
CA LEU A 271 -6.06 -9.59 -14.95
C LEU A 271 -6.45 -9.37 -16.43
N ASP A 272 -7.43 -8.50 -16.70
CA ASP A 272 -7.93 -8.25 -18.04
C ASP A 272 -6.87 -7.47 -18.89
N PRO A 273 -6.29 -8.08 -19.96
CA PRO A 273 -5.27 -7.31 -20.74
C PRO A 273 -5.86 -6.26 -21.65
N VAL A 274 -7.17 -6.36 -21.99
CA VAL A 274 -7.81 -5.43 -22.93
C VAL A 274 -7.79 -3.97 -22.37
N GLY A 275 -7.08 -3.10 -23.07
CA GLY A 275 -6.93 -1.69 -22.69
C GLY A 275 -6.02 -1.45 -21.50
N LEU A 276 -5.31 -2.49 -21.01
CA LEU A 276 -4.42 -2.38 -19.87
C LEU A 276 -3.10 -1.75 -20.30
N LYS A 277 -2.70 -0.71 -19.57
CA LYS A 277 -1.45 -0.01 -19.82
C LYS A 277 -0.84 0.50 -18.53
N ASP A 278 0.46 0.75 -18.56
CA ASP A 278 1.17 1.34 -17.44
C ASP A 278 2.42 2.03 -18.02
N GLU A 279 3.26 2.58 -17.13
CA GLU A 279 4.52 3.28 -17.45
C GLU A 279 5.42 2.48 -18.42
N TYR A 280 5.42 1.14 -18.31
CA TYR A 280 6.31 0.31 -19.09
C TYR A 280 5.73 -0.34 -20.35
N CYS A 281 4.42 -0.23 -20.58
CA CYS A 281 3.80 -0.85 -21.76
C CYS A 281 2.54 -0.07 -22.15
N PRO A 282 2.49 0.54 -23.38
CA PRO A 282 1.29 1.30 -23.78
C PRO A 282 0.03 0.42 -23.97
N SER A 283 0.22 -0.93 -24.10
CA SER A 283 -0.87 -1.91 -24.24
C SER A 283 -0.36 -3.33 -23.99
N TYR A 284 -0.74 -3.92 -22.84
CA TYR A 284 -0.39 -5.31 -22.52
C TYR A 284 -1.10 -6.27 -23.49
N PHE A 285 -2.29 -5.86 -24.00
CA PHE A 285 -3.01 -6.67 -25.00
C PHE A 285 -2.19 -6.85 -26.29
N HIS A 286 -1.66 -5.73 -26.84
CA HIS A 286 -0.90 -5.76 -28.08
CA HIS A 286 -0.86 -5.66 -28.07
C HIS A 286 0.47 -6.41 -27.87
N GLU A 287 1.07 -6.28 -26.68
CA GLU A 287 2.35 -6.95 -26.41
C GLU A 287 2.19 -8.47 -26.44
N MSE A 288 1.16 -8.97 -25.77
CA MSE A 288 0.86 -10.40 -25.66
C MSE A 288 0.33 -10.98 -26.97
O MSE A 288 0.58 -12.15 -27.26
CB MSE A 288 -0.10 -10.68 -24.50
CG MSE A 288 0.49 -10.32 -23.12
SE MSE A 288 2.45 -10.67 -22.88
CE MSE A 288 2.90 -8.95 -21.91
N ARG A 289 -0.40 -10.16 -27.76
CA ARG A 289 -0.87 -10.57 -29.08
C ARG A 289 0.36 -10.75 -29.98
N ASN A 290 1.34 -9.82 -29.88
CA ASN A 290 2.56 -9.91 -30.68
C ASN A 290 3.41 -11.09 -30.28
N LEU A 291 3.45 -11.43 -28.99
CA LEU A 291 4.20 -12.59 -28.51
C LEU A 291 3.55 -13.89 -29.07
N THR A 292 2.21 -13.89 -29.21
CA THR A 292 1.46 -14.99 -29.82
C THR A 292 1.83 -15.06 -31.29
N LEU A 293 1.86 -13.88 -31.96
CA LEU A 293 2.14 -13.84 -33.38
C LEU A 293 3.57 -14.28 -33.71
N VAL A 294 4.53 -13.97 -32.80
CA VAL A 294 5.92 -14.41 -32.93
C VAL A 294 5.97 -15.95 -32.88
N ASN A 295 5.25 -16.54 -31.93
CA ASN A 295 5.17 -17.98 -31.70
C ASN A 295 4.67 -18.70 -32.95
N ARG A 296 3.55 -18.19 -33.51
CA ARG A 296 2.90 -18.70 -34.71
C ARG A 296 3.82 -18.52 -35.94
N ALA A 297 4.45 -17.34 -36.09
CA ALA A 297 5.35 -17.06 -37.19
C ALA A 297 6.50 -18.05 -37.21
N TYR A 298 7.11 -18.36 -36.03
CA TYR A 298 8.21 -19.33 -35.94
C TYR A 298 7.76 -20.72 -36.40
N CYS A 299 6.57 -21.19 -35.94
CA CYS A 299 6.03 -22.52 -36.30
C CYS A 299 5.73 -22.58 -37.79
N ILE A 300 5.20 -21.47 -38.39
CA ILE A 300 4.90 -21.43 -39.84
C ILE A 300 6.25 -21.51 -40.58
N ARG A 301 7.28 -20.81 -40.09
CA ARG A 301 8.59 -20.84 -40.73
C ARG A 301 9.18 -22.24 -40.63
N ASN A 302 9.05 -22.92 -39.45
CA ASN A 302 9.47 -24.30 -39.22
C ASN A 302 10.88 -24.57 -39.79
N PRO A 303 11.92 -23.88 -39.28
CA PRO A 303 13.28 -24.03 -39.87
C PRO A 303 13.91 -25.40 -39.60
N LYS A 304 13.39 -26.16 -38.62
CA LYS A 304 13.91 -27.48 -38.29
C LYS A 304 13.16 -28.60 -39.03
N HIS A 305 12.17 -28.22 -39.86
CA HIS A 305 11.37 -29.04 -40.76
C HIS A 305 10.63 -30.19 -40.05
N TYR A 306 9.92 -29.85 -38.97
CA TYR A 306 9.14 -30.83 -38.21
C TYR A 306 7.82 -31.09 -38.90
N LYS A 307 7.33 -32.34 -38.81
CA LYS A 307 6.07 -32.71 -39.44
C LYS A 307 4.90 -32.00 -38.75
N GLY A 308 3.98 -31.48 -39.57
CA GLY A 308 2.76 -30.88 -39.08
C GLY A 308 2.75 -29.40 -38.77
N PHE A 309 3.93 -28.80 -38.49
CA PHE A 309 4.05 -27.37 -38.14
C PHE A 309 3.55 -26.49 -39.29
N GLY A 310 2.65 -25.55 -38.98
CA GLY A 310 2.05 -24.68 -40.01
C GLY A 310 0.95 -23.78 -39.48
N PRO A 311 0.18 -23.10 -40.37
CA PRO A 311 -0.88 -22.18 -39.87
C PRO A 311 -2.02 -22.87 -39.13
N ASP A 312 -2.24 -24.17 -39.40
CA ASP A 312 -3.28 -24.95 -38.71
C ASP A 312 -2.72 -25.66 -37.47
N CYS A 313 -1.39 -25.68 -37.30
CA CYS A 313 -0.79 -26.40 -36.18
C CYS A 313 0.46 -25.66 -35.68
N TRP A 314 0.29 -24.89 -34.60
CA TRP A 314 1.37 -24.11 -34.01
C TRP A 314 1.15 -23.96 -32.52
N GLY A 315 2.16 -23.52 -31.79
CA GLY A 315 2.02 -23.29 -30.37
C GLY A 315 3.11 -23.96 -29.56
N LEU A 316 4.15 -23.16 -29.20
CA LEU A 316 5.29 -23.62 -28.43
C LEU A 316 5.32 -23.02 -27.04
N THR A 317 5.29 -23.92 -26.04
CA THR A 317 5.35 -23.54 -24.63
C THR A 317 5.93 -24.67 -23.81
N ALA A 318 6.22 -24.40 -22.53
CA ALA A 318 6.69 -25.39 -21.57
C ALA A 318 5.63 -26.51 -21.39
N SER A 319 6.06 -27.79 -21.48
CA SER A 319 5.18 -28.96 -21.37
C SER A 319 5.99 -30.23 -21.40
N TYR A 320 5.31 -31.38 -21.24
CA TYR A 320 5.97 -32.66 -21.48
C TYR A 320 6.62 -32.63 -22.82
N SER A 321 7.75 -33.32 -22.96
CA SER A 321 8.47 -33.37 -24.22
C SER A 321 8.85 -34.80 -24.50
N VAL A 322 9.28 -35.10 -25.76
CA VAL A 322 9.69 -36.44 -26.20
C VAL A 322 10.67 -37.07 -25.18
N ASP A 323 11.68 -36.32 -24.73
CA ASP A 323 12.66 -36.84 -23.77
C ASP A 323 12.41 -36.40 -22.31
N GLY A 324 11.16 -36.06 -21.96
CA GLY A 324 10.80 -35.68 -20.60
C GLY A 324 9.86 -34.48 -20.44
N TYR A 325 10.45 -33.34 -20.13
CA TYR A 325 9.77 -32.06 -19.92
C TYR A 325 10.70 -30.99 -20.40
N ALA A 326 10.18 -29.98 -21.12
CA ALA A 326 11.01 -28.93 -21.69
C ALA A 326 10.28 -27.61 -21.83
N ALA A 327 11.03 -26.51 -21.66
CA ALA A 327 10.55 -25.14 -21.80
C ALA A 327 10.57 -24.74 -23.29
N HIS A 328 9.69 -25.35 -24.11
CA HIS A 328 9.64 -25.06 -25.55
C HIS A 328 9.31 -23.62 -25.76
N SER A 329 10.02 -22.98 -26.71
CA SER A 329 9.76 -21.58 -27.03
CA SER A 329 9.83 -21.57 -27.04
C SER A 329 10.09 -21.36 -28.54
N PRO A 330 9.66 -20.21 -29.16
CA PRO A 330 9.86 -20.05 -30.61
C PRO A 330 11.29 -19.66 -30.99
N ASN A 331 12.22 -20.62 -30.88
CA ASN A 331 13.62 -20.53 -31.29
C ASN A 331 14.16 -21.97 -31.50
N GLU A 332 15.13 -22.13 -32.39
CA GLU A 332 15.74 -23.39 -32.81
C GLU A 332 16.40 -24.18 -31.68
N GLN A 333 16.81 -23.51 -30.58
CA GLN A 333 17.43 -24.19 -29.44
C GLN A 333 16.39 -24.87 -28.53
N ASP A 334 15.21 -24.26 -28.39
CA ASP A 334 14.15 -24.74 -27.49
C ASP A 334 13.07 -25.53 -28.24
N ASP A 335 13.02 -25.39 -29.58
CA ASP A 335 12.08 -26.12 -30.43
C ASP A 335 12.49 -27.59 -30.52
N LYS A 336 11.61 -28.51 -30.11
CA LYS A 336 11.90 -29.95 -30.11
C LYS A 336 10.96 -30.74 -30.98
N GLY A 337 10.13 -30.05 -31.77
CA GLY A 337 9.14 -30.71 -32.63
C GLY A 337 7.87 -31.03 -31.91
N VAL A 338 7.68 -30.41 -30.76
CA VAL A 338 6.55 -30.67 -29.88
C VAL A 338 5.58 -29.50 -29.88
N ILE A 339 4.30 -29.78 -30.18
CA ILE A 339 3.22 -28.80 -30.15
C ILE A 339 2.48 -29.06 -28.85
N SER A 340 2.13 -28.00 -28.11
CA SER A 340 1.37 -28.06 -26.87
C SER A 340 0.07 -27.32 -27.10
N PRO A 341 -1.10 -28.03 -27.16
CA PRO A 341 -2.39 -27.34 -27.42
C PRO A 341 -2.70 -26.13 -26.53
N THR A 342 -2.20 -26.11 -25.28
CA THR A 342 -2.43 -24.97 -24.38
C THR A 342 -1.88 -23.66 -24.96
N ALA A 343 -0.80 -23.71 -25.74
CA ALA A 343 -0.17 -22.50 -26.27
C ALA A 343 -1.11 -21.73 -27.22
N ALA A 344 -1.53 -22.33 -28.30
CA ALA A 344 -2.38 -21.63 -29.26
C ALA A 344 -3.77 -21.43 -28.71
N LEU A 345 -4.28 -22.42 -27.96
CA LEU A 345 -5.65 -22.34 -27.47
C LEU A 345 -5.84 -21.33 -26.36
N SER A 346 -4.85 -21.15 -25.45
CA SER A 346 -5.00 -20.16 -24.38
C SER A 346 -4.68 -18.73 -24.88
N SER A 347 -4.37 -18.57 -26.17
CA SER A 347 -4.15 -17.27 -26.78
C SER A 347 -5.37 -16.85 -27.61
N ILE A 348 -6.49 -17.59 -27.49
CA ILE A 348 -7.76 -17.31 -28.20
CA ILE A 348 -7.75 -17.33 -28.20
C ILE A 348 -8.22 -15.86 -27.95
N VAL A 349 -7.98 -15.31 -26.74
CA VAL A 349 -8.37 -13.93 -26.37
C VAL A 349 -7.58 -12.87 -27.20
N TYR A 350 -6.37 -13.24 -27.68
CA TYR A 350 -5.49 -12.36 -28.47
C TYR A 350 -5.61 -12.56 -29.98
N THR A 351 -5.62 -13.84 -30.43
CA THR A 351 -5.69 -14.23 -31.85
C THR A 351 -6.87 -15.20 -32.04
N PRO A 352 -8.13 -14.70 -31.98
CA PRO A 352 -9.29 -15.60 -32.04
C PRO A 352 -9.33 -16.54 -33.26
N GLU A 353 -9.14 -16.01 -34.48
CA GLU A 353 -9.19 -16.80 -35.72
C GLU A 353 -8.05 -17.81 -35.80
N TYR A 354 -6.81 -17.41 -35.51
CA TYR A 354 -5.67 -18.32 -35.59
C TYR A 354 -5.78 -19.40 -34.51
N SER A 355 -6.26 -19.05 -33.32
CA SER A 355 -6.40 -20.03 -32.25
C SER A 355 -7.52 -21.01 -32.54
N LEU A 356 -8.63 -20.54 -33.14
CA LEU A 356 -9.75 -21.42 -33.47
C LEU A 356 -9.36 -22.36 -34.62
N GLN A 357 -8.40 -21.92 -35.46
CA GLN A 357 -7.86 -22.69 -36.58
C GLN A 357 -7.13 -23.92 -36.05
N VAL A 358 -6.31 -23.71 -35.01
CA VAL A 358 -5.56 -24.79 -34.40
C VAL A 358 -6.52 -25.69 -33.61
N MSE A 359 -7.50 -25.08 -32.91
CA MSE A 359 -8.49 -25.84 -32.13
C MSE A 359 -9.28 -26.80 -33.03
O MSE A 359 -9.44 -27.97 -32.68
CB MSE A 359 -9.45 -24.92 -31.38
CG MSE A 359 -10.27 -25.66 -30.33
SE MSE A 359 -11.65 -24.52 -29.56
CE MSE A 359 -10.61 -23.06 -28.95
N ARG A 360 -9.75 -26.30 -34.18
CA ARG A 360 -10.50 -27.07 -35.19
C ARG A 360 -9.64 -28.22 -35.76
N HIS A 361 -8.34 -27.93 -36.07
CA HIS A 361 -7.38 -28.89 -36.61
C HIS A 361 -7.03 -29.97 -35.58
N LEU A 362 -6.73 -29.56 -34.31
CA LEU A 362 -6.38 -30.50 -33.24
C LEU A 362 -7.57 -31.43 -32.94
N TYR A 363 -8.79 -30.89 -32.86
CA TYR A 363 -10.01 -31.69 -32.69
C TYR A 363 -10.16 -32.72 -33.82
N ASN A 364 -9.88 -32.33 -35.06
CA ASN A 364 -10.01 -33.24 -36.22
C ASN A 364 -8.95 -34.34 -36.25
N MSE A 365 -7.86 -34.23 -35.45
CA MSE A 365 -6.83 -35.27 -35.36
C MSE A 365 -7.34 -36.50 -34.59
O MSE A 365 -6.71 -37.54 -34.63
CB MSE A 365 -5.55 -34.74 -34.72
CG MSE A 365 -4.66 -34.04 -35.70
SE MSE A 365 -3.30 -33.12 -34.71
CE MSE A 365 -1.99 -34.51 -34.58
N GLY A 366 -8.46 -36.34 -33.89
CA GLY A 366 -9.12 -37.43 -33.19
C GLY A 366 -8.66 -37.72 -31.78
N ASP A 367 -8.99 -38.92 -31.31
CA ASP A 367 -8.72 -39.41 -29.96
C ASP A 367 -7.23 -39.40 -29.59
N LYS A 368 -6.32 -39.51 -30.58
CA LYS A 368 -4.89 -39.51 -30.28
C LYS A 368 -4.43 -38.19 -29.59
N VAL A 369 -5.13 -37.05 -29.80
CA VAL A 369 -4.76 -35.78 -29.12
C VAL A 369 -5.92 -35.23 -28.25
N PHE A 370 -7.20 -35.54 -28.61
CA PHE A 370 -8.34 -35.06 -27.84
C PHE A 370 -8.89 -36.19 -26.98
N GLY A 371 -8.48 -36.22 -25.72
CA GLY A 371 -8.88 -37.28 -24.80
C GLY A 371 -10.07 -37.00 -23.90
N PRO A 372 -10.26 -37.81 -22.82
CA PRO A 372 -11.45 -37.61 -21.96
C PRO A 372 -11.51 -36.26 -21.24
N PHE A 373 -10.35 -35.69 -20.82
CA PHE A 373 -10.29 -34.40 -20.11
C PHE A 373 -9.78 -33.25 -21.02
N GLY A 374 -10.08 -33.36 -22.32
CA GLY A 374 -9.69 -32.38 -23.33
C GLY A 374 -8.41 -32.77 -24.05
N PHE A 375 -7.77 -31.80 -24.69
CA PHE A 375 -6.53 -32.03 -25.40
C PHE A 375 -5.43 -32.47 -24.47
N TYR A 376 -4.67 -33.49 -24.91
CA TYR A 376 -3.52 -33.99 -24.18
C TYR A 376 -2.43 -32.90 -24.15
N ASP A 377 -1.48 -33.04 -23.23
CA ASP A 377 -0.46 -32.00 -22.95
C ASP A 377 0.40 -31.55 -24.15
N ALA A 378 1.01 -32.51 -24.83
CA ALA A 378 1.91 -32.22 -25.91
C ALA A 378 1.94 -33.40 -26.85
N PHE A 379 2.48 -33.20 -28.06
CA PHE A 379 2.61 -34.29 -29.04
C PHE A 379 3.64 -33.91 -30.08
N SER A 380 4.26 -34.93 -30.68
CA SER A 380 5.22 -34.72 -31.75
C SER A 380 4.79 -35.56 -32.97
N GLU A 381 4.28 -34.90 -34.05
CA GLU A 381 3.91 -35.64 -35.29
C GLU A 381 5.16 -36.31 -35.92
N THR A 382 6.35 -35.67 -35.78
CA THR A 382 7.63 -36.17 -36.30
C THR A 382 8.04 -37.47 -35.62
N ASP A 383 8.00 -37.52 -34.27
CA ASP A 383 8.40 -38.67 -33.46
C ASP A 383 7.27 -39.68 -33.25
N ASN A 384 6.04 -39.35 -33.72
CA ASN A 384 4.82 -40.17 -33.54
C ASN A 384 4.61 -40.44 -32.04
N TRP A 385 4.79 -39.37 -31.25
CA TRP A 385 4.71 -39.38 -29.80
C TRP A 385 3.40 -38.69 -29.41
N TYR A 386 2.41 -39.46 -28.95
CA TYR A 386 1.07 -38.95 -28.55
C TYR A 386 0.73 -39.40 -27.11
N PRO A 387 1.38 -38.80 -26.09
CA PRO A 387 1.10 -39.20 -24.70
C PRO A 387 -0.32 -38.90 -24.26
N GLN A 388 -0.92 -39.83 -23.56
CA GLN A 388 -2.27 -39.65 -23.06
C GLN A 388 -2.13 -39.12 -21.63
N ARG A 389 -1.54 -37.90 -21.54
CA ARG A 389 -1.21 -37.25 -20.26
C ARG A 389 -1.63 -35.81 -20.25
N TYR A 390 -2.00 -35.35 -19.06
CA TYR A 390 -2.40 -33.98 -18.78
C TYR A 390 -1.60 -33.38 -17.66
N LEU A 391 -1.51 -32.02 -17.67
CA LEU A 391 -0.94 -31.20 -16.60
C LEU A 391 -1.94 -30.14 -16.26
N ALA A 392 -2.24 -29.95 -14.96
CA ALA A 392 -3.14 -28.90 -14.48
C ALA A 392 -2.81 -27.52 -15.05
N ILE A 393 -1.52 -27.13 -15.07
CA ILE A 393 -1.08 -25.80 -15.56
C ILE A 393 -1.27 -25.63 -17.08
N ASP A 394 -1.45 -26.71 -17.83
CA ASP A 394 -1.67 -26.56 -19.26
C ASP A 394 -3.20 -26.63 -19.55
N GLN A 395 -3.98 -27.46 -18.80
CA GLN A 395 -5.43 -27.56 -18.96
C GLN A 395 -6.16 -26.31 -18.43
N GLY A 396 -5.71 -25.80 -17.31
CA GLY A 396 -6.29 -24.63 -16.65
C GLY A 396 -6.48 -23.43 -17.56
N PRO A 397 -5.41 -22.95 -18.26
CA PRO A 397 -5.56 -21.75 -19.11
C PRO A 397 -6.50 -21.93 -20.30
N ILE A 398 -6.65 -23.17 -20.83
CA ILE A 398 -7.53 -23.48 -21.95
C ILE A 398 -8.98 -23.18 -21.57
N ALA A 399 -9.45 -23.70 -20.40
CA ALA A 399 -10.82 -23.52 -19.90
C ALA A 399 -11.10 -22.08 -19.57
N VAL A 400 -10.13 -21.39 -19.00
CA VAL A 400 -10.30 -20.01 -18.54
C VAL A 400 -10.27 -19.01 -19.72
N MSE A 401 -9.30 -19.16 -20.64
CA MSE A 401 -9.21 -18.22 -21.77
C MSE A 401 -10.39 -18.38 -22.74
O MSE A 401 -10.85 -17.34 -23.26
CB MSE A 401 -7.85 -18.30 -22.44
CG MSE A 401 -6.76 -17.78 -21.51
SE MSE A 401 -7.09 -15.92 -20.89
CE MSE A 401 -5.23 -15.14 -21.24
N ILE A 402 -10.93 -19.63 -22.95
CA ILE A 402 -12.12 -19.83 -23.80
CA ILE A 402 -12.11 -19.84 -23.80
C ILE A 402 -13.29 -19.08 -23.14
N GLU A 403 -13.42 -19.21 -21.80
CA GLU A 403 -14.47 -18.50 -21.05
C GLU A 403 -14.32 -16.98 -21.19
N ASN A 404 -13.11 -16.46 -20.97
CA ASN A 404 -12.87 -15.01 -21.08
C ASN A 404 -13.15 -14.50 -22.48
N TYR A 405 -12.81 -15.28 -23.51
CA TYR A 405 -13.07 -14.94 -24.90
C TYR A 405 -14.57 -14.91 -25.19
N ARG A 406 -15.32 -15.88 -24.65
CA ARG A 406 -16.76 -16.01 -24.88
C ARG A 406 -17.61 -15.03 -24.07
N THR A 407 -17.31 -14.83 -22.76
CA THR A 407 -18.15 -13.97 -21.91
C THR A 407 -17.38 -12.93 -21.09
N GLY A 408 -16.07 -13.08 -20.96
CA GLY A 408 -15.21 -12.24 -20.13
C GLY A 408 -15.44 -12.48 -18.64
N LEU A 409 -16.03 -13.63 -18.26
CA LEU A 409 -16.41 -13.95 -16.88
C LEU A 409 -15.25 -13.83 -15.87
N LEU A 410 -14.10 -14.50 -16.10
CA LEU A 410 -13.04 -14.45 -15.08
C LEU A 410 -12.42 -13.07 -14.99
N TRP A 411 -12.31 -12.35 -16.14
CA TRP A 411 -11.82 -10.98 -16.09
C TRP A 411 -12.80 -10.06 -15.32
N LYS A 412 -14.13 -10.18 -15.57
CA LYS A 412 -15.13 -9.33 -14.89
C LYS A 412 -15.04 -9.52 -13.37
N LEU A 413 -14.98 -10.79 -12.91
CA LEU A 413 -14.96 -11.11 -11.49
C LEU A 413 -13.70 -10.58 -10.80
N PHE A 414 -12.50 -10.96 -11.33
CA PHE A 414 -11.22 -10.55 -10.77
C PHE A 414 -11.03 -9.01 -10.79
N MSE A 415 -11.40 -8.33 -11.89
CA MSE A 415 -11.23 -6.88 -11.99
C MSE A 415 -12.20 -6.13 -11.08
O MSE A 415 -11.94 -4.97 -10.75
CB MSE A 415 -11.38 -6.37 -13.43
CG MSE A 415 -10.31 -6.92 -14.39
SE MSE A 415 -8.50 -6.32 -13.88
CE MSE A 415 -8.50 -4.60 -14.84
N SER A 416 -13.29 -6.78 -10.64
CA SER A 416 -14.27 -6.11 -9.77
C SER A 416 -13.79 -6.09 -8.32
N HIS A 417 -12.72 -6.84 -7.96
CA HIS A 417 -12.27 -6.93 -6.56
C HIS A 417 -11.67 -5.58 -6.11
N PRO A 418 -12.20 -4.99 -5.00
CA PRO A 418 -11.72 -3.67 -4.57
C PRO A 418 -10.24 -3.62 -4.21
N ASP A 419 -9.64 -4.71 -3.69
CA ASP A 419 -8.20 -4.71 -3.36
C ASP A 419 -7.35 -4.73 -4.62
N VAL A 420 -7.82 -5.46 -5.64
CA VAL A 420 -7.14 -5.55 -6.92
C VAL A 420 -7.15 -4.18 -7.57
N GLN A 421 -8.30 -3.50 -7.53
CA GLN A 421 -8.44 -2.15 -8.13
C GLN A 421 -7.53 -1.12 -7.46
N ALA A 422 -7.31 -1.24 -6.15
CA ALA A 422 -6.43 -0.35 -5.38
C ALA A 422 -4.96 -0.65 -5.73
N GLY A 423 -4.65 -1.94 -5.90
CA GLY A 423 -3.32 -2.42 -6.27
C GLY A 423 -2.90 -1.90 -7.62
N LEU A 424 -3.79 -2.00 -8.63
CA LEU A 424 -3.55 -1.54 -9.99
C LEU A 424 -3.30 -0.01 -10.00
N THR A 425 -4.14 0.74 -9.27
CA THR A 425 -3.98 2.20 -9.15
C THR A 425 -2.65 2.51 -8.50
N LYS A 426 -2.30 1.84 -7.38
CA LYS A 426 -1.03 2.02 -6.63
C LYS A 426 0.19 1.88 -7.56
N LEU A 427 0.22 0.85 -8.44
CA LEU A 427 1.35 0.58 -9.35
C LEU A 427 1.32 1.34 -10.67
N GLY A 428 0.32 2.20 -10.86
CA GLY A 428 0.24 3.04 -12.05
C GLY A 428 -0.45 2.43 -13.25
N PHE A 429 -1.19 1.33 -13.06
CA PHE A 429 -1.93 0.70 -14.16
C PHE A 429 -3.23 1.47 -14.45
N ASN A 430 -3.66 1.38 -15.69
CA ASN A 430 -4.82 2.04 -16.24
C ASN A 430 -5.53 1.09 -17.23
N THR A 431 -6.87 1.25 -17.38
CA THR A 431 -7.73 0.56 -18.35
C THR A 431 -8.56 1.62 -19.12
N ASN A 432 -8.49 1.58 -20.47
CA ASN A 432 -9.20 2.50 -21.37
C ASN A 432 -9.37 1.87 -22.74
N SER B 20 -16.04 41.71 19.22
CA SER B 20 -16.67 40.46 18.78
C SER B 20 -15.63 39.33 18.60
N ASP B 21 -16.15 38.09 18.62
CA ASP B 21 -15.36 36.87 18.49
C ASP B 21 -14.62 36.80 17.14
N ASP B 22 -15.26 37.26 16.06
CA ASP B 22 -14.65 37.25 14.73
C ASP B 22 -13.46 38.22 14.70
N ALA B 23 -13.65 39.43 15.24
CA ALA B 23 -12.61 40.48 15.33
C ALA B 23 -11.43 40.02 16.18
N LEU B 24 -11.73 39.32 17.29
CA LEU B 24 -10.70 38.80 18.19
C LEU B 24 -9.91 37.71 17.49
N MSE B 25 -10.61 36.78 16.81
CA MSE B 25 -9.93 35.70 16.11
C MSE B 25 -9.06 36.24 14.99
O MSE B 25 -7.94 35.78 14.83
CB MSE B 25 -10.93 34.66 15.58
CG MSE B 25 -11.54 33.80 16.68
SE MSE B 25 -12.66 32.42 15.89
CE MSE B 25 -14.17 33.54 15.16
N ASP B 26 -9.56 37.24 14.25
CA ASP B 26 -8.81 37.87 13.16
C ASP B 26 -7.45 38.44 13.64
N THR B 27 -7.48 39.22 14.75
CA THR B 27 -6.28 39.80 15.38
C THR B 27 -5.31 38.69 15.84
N VAL B 28 -5.80 37.66 16.57
CA VAL B 28 -4.95 36.57 17.07
C VAL B 28 -4.32 35.85 15.86
N GLN B 29 -5.14 35.55 14.85
CA GLN B 29 -4.66 34.87 13.64
C GLN B 29 -3.59 35.69 12.91
N ARG B 30 -3.85 36.99 12.66
CA ARG B 30 -2.88 37.83 11.93
CA ARG B 30 -2.90 37.88 11.97
C ARG B 30 -1.55 37.92 12.69
N ARG B 31 -1.57 38.18 14.01
CA ARG B 31 -0.32 38.28 14.76
C ARG B 31 0.42 36.94 14.80
N THR B 32 -0.29 35.82 15.00
CA THR B 32 0.32 34.48 15.04
C THR B 32 0.99 34.17 13.68
N PHE B 33 0.32 34.56 12.59
CA PHE B 33 0.84 34.46 11.23
C PHE B 33 2.20 35.17 11.11
N LEU B 34 2.37 36.35 11.77
CA LEU B 34 3.62 37.11 11.74
C LEU B 34 4.80 36.34 12.35
N TYR B 35 4.57 35.36 13.26
CA TYR B 35 5.66 34.52 13.79
C TYR B 35 6.33 33.82 12.60
N PHE B 36 5.51 33.31 11.68
CA PHE B 36 6.00 32.51 10.56
C PHE B 36 6.37 33.38 9.35
N TRP B 37 5.73 34.55 9.20
CA TRP B 37 6.03 35.44 8.10
C TRP B 37 7.27 36.29 8.40
N GLU B 38 7.20 37.12 9.47
CA GLU B 38 8.28 38.02 9.88
C GLU B 38 9.34 37.34 10.74
N GLY B 39 8.95 36.38 11.57
CA GLY B 39 9.89 35.70 12.46
C GLY B 39 10.70 34.56 11.84
N ALA B 40 10.43 34.21 10.58
CA ALA B 40 11.10 33.11 9.87
C ALA B 40 12.60 33.33 9.74
N GLU B 41 13.34 32.23 9.68
CA GLU B 41 14.77 32.28 9.43
C GLU B 41 14.91 32.73 7.93
N PRO B 42 15.71 33.79 7.65
CA PRO B 42 15.71 34.40 6.30
C PRO B 42 16.12 33.51 5.13
N ASN B 43 17.18 32.71 5.25
CA ASN B 43 17.64 31.84 4.15
C ASN B 43 16.58 30.80 3.74
N SER B 44 16.07 30.05 4.72
CA SER B 44 15.12 28.96 4.51
C SER B 44 13.68 29.42 4.34
N GLY B 45 13.31 30.54 4.94
CA GLY B 45 11.92 31.00 4.96
C GLY B 45 11.12 30.19 5.97
N LEU B 46 11.82 29.28 6.70
CA LEU B 46 11.21 28.37 7.66
C LEU B 46 11.23 28.89 9.08
N ALA B 47 10.43 28.20 9.92
CA ALA B 47 10.17 28.50 11.30
C ALA B 47 11.33 28.16 12.20
N PRO B 48 11.88 29.14 12.95
CA PRO B 48 12.91 28.81 13.94
C PRO B 48 12.25 28.06 15.10
N GLU B 49 13.00 27.19 15.80
CA GLU B 49 12.50 26.46 16.95
C GLU B 49 11.81 27.43 17.95
N ARG B 50 12.49 28.57 18.22
CA ARG B 50 12.04 29.59 19.15
C ARG B 50 12.30 31.00 18.65
N TYR B 51 11.60 31.95 19.28
CA TYR B 51 11.75 33.38 19.05
C TYR B 51 11.67 34.08 20.40
N HIS B 52 12.76 34.75 20.79
CA HIS B 52 12.84 35.45 22.08
C HIS B 52 12.86 36.94 21.82
N VAL B 53 11.79 37.65 22.25
CA VAL B 53 11.66 39.11 22.08
C VAL B 53 12.88 39.85 22.72
N ASP B 54 13.42 39.29 23.82
CA ASP B 54 14.56 39.82 24.59
C ASP B 54 15.90 39.71 23.86
N GLY B 55 15.96 38.88 22.80
CA GLY B 55 17.17 38.67 22.00
C GLY B 55 18.20 37.77 22.67
N VAL B 56 17.83 37.16 23.81
CA VAL B 56 18.73 36.30 24.59
C VAL B 56 18.37 34.82 24.32
N TYR B 57 19.32 34.11 23.71
CA TYR B 57 19.18 32.70 23.34
C TYR B 57 20.20 31.85 24.12
N PRO B 58 19.74 31.14 25.19
CA PRO B 58 20.69 30.31 25.98
C PRO B 58 21.46 29.28 25.15
N GLN B 59 20.82 28.70 24.12
CA GLN B 59 21.46 27.71 23.25
C GLN B 59 22.09 28.37 22.01
N ASN B 60 22.01 29.73 21.91
CA ASN B 60 22.56 30.53 20.80
C ASN B 60 22.10 29.93 19.45
N ASP B 61 20.78 29.68 19.36
CA ASP B 61 20.17 28.96 18.24
C ASP B 61 19.04 29.72 17.54
N ALA B 62 19.16 31.06 17.43
CA ALA B 62 18.14 31.88 16.76
C ALA B 62 17.87 31.41 15.30
N ASN B 63 18.90 30.86 14.62
CA ASN B 63 18.86 30.43 13.23
C ASN B 63 18.52 28.94 13.05
N VAL B 64 18.28 28.22 14.16
CA VAL B 64 17.94 26.79 14.11
C VAL B 64 16.47 26.66 13.80
N VAL B 65 16.16 25.99 12.67
CA VAL B 65 14.80 25.75 12.18
C VAL B 65 14.33 24.34 12.55
N THR B 66 13.05 24.20 12.90
CA THR B 66 12.44 22.93 13.28
C THR B 66 11.60 22.46 12.11
N SER B 67 11.70 21.15 11.76
CA SER B 67 10.95 20.56 10.65
C SER B 67 9.45 20.47 10.97
N GLY B 68 9.09 19.91 12.13
CA GLY B 68 7.70 19.76 12.56
C GLY B 68 6.96 21.07 12.64
N GLY B 69 7.53 22.02 13.38
CA GLY B 69 6.98 23.37 13.56
C GLY B 69 6.82 24.10 12.23
N SER B 70 7.73 23.80 11.26
CA SER B 70 7.68 24.39 9.92
C SER B 70 6.48 23.87 9.13
N GLY B 71 6.05 22.62 9.37
CA GLY B 71 4.85 22.06 8.76
C GLY B 71 3.61 22.84 9.20
N PHE B 72 3.54 23.13 10.51
CA PHE B 72 2.48 23.97 11.09
C PHE B 72 2.57 25.37 10.52
N GLY B 73 3.79 25.87 10.42
CA GLY B 73 4.08 27.21 9.91
C GLY B 73 3.71 27.43 8.45
N ILE B 74 3.92 26.40 7.61
CA ILE B 74 3.59 26.42 6.19
C ILE B 74 2.05 26.50 6.02
N MSE B 75 1.31 25.80 6.91
CA MSE B 75 -0.16 25.81 6.96
C MSE B 75 -0.64 27.16 7.45
O MSE B 75 -1.64 27.69 6.95
CB MSE B 75 -0.68 24.70 7.88
CG MSE B 75 -0.49 23.32 7.30
SE MSE B 75 -1.02 21.97 8.55
CE MSE B 75 -2.31 20.99 7.39
N ALA B 76 0.10 27.73 8.41
CA ALA B 76 -0.18 29.07 8.91
C ALA B 76 0.02 30.12 7.79
N ILE B 77 1.08 29.96 6.96
CA ILE B 77 1.36 30.88 5.85
CA ILE B 77 1.36 30.88 5.85
C ILE B 77 0.26 30.74 4.78
N LEU B 78 -0.16 29.50 4.48
CA LEU B 78 -1.23 29.15 3.51
C LEU B 78 -2.55 29.83 3.88
N ALA B 79 -2.93 29.78 5.14
CA ALA B 79 -4.12 30.46 5.66
C ALA B 79 -4.01 32.00 5.47
N GLY B 80 -2.81 32.54 5.68
CA GLY B 80 -2.52 33.96 5.51
C GLY B 80 -2.64 34.41 4.07
N ILE B 81 -2.12 33.58 3.14
CA ILE B 81 -2.18 33.77 1.69
C ILE B 81 -3.66 33.81 1.27
N ASP B 82 -4.46 32.86 1.78
CA ASP B 82 -5.88 32.74 1.45
C ASP B 82 -6.69 33.93 1.96
N ARG B 83 -6.33 34.45 3.13
CA ARG B 83 -7.01 35.60 3.75
C ARG B 83 -6.49 36.94 3.25
N GLY B 84 -5.44 36.94 2.42
CA GLY B 84 -4.87 38.17 1.88
C GLY B 84 -4.01 38.97 2.84
N TYR B 85 -3.37 38.27 3.82
CA TYR B 85 -2.43 38.91 4.74
C TYR B 85 -1.17 39.35 3.92
N VAL B 86 -0.81 38.55 2.90
CA VAL B 86 0.28 38.79 1.93
C VAL B 86 -0.31 38.58 0.54
N THR B 87 0.32 39.13 -0.50
CA THR B 87 -0.17 38.95 -1.88
C THR B 87 0.10 37.51 -2.37
N ARG B 88 -0.60 37.10 -3.42
CA ARG B 88 -0.43 35.79 -4.08
C ARG B 88 1.05 35.60 -4.51
N GLU B 89 1.66 36.66 -5.04
CA GLU B 89 3.06 36.70 -5.53
C GLU B 89 4.04 36.56 -4.37
N GLU B 90 3.81 37.28 -3.25
CA GLU B 90 4.64 37.17 -2.04
C GLU B 90 4.57 35.76 -1.41
N GLY B 91 3.38 35.19 -1.33
CA GLY B 91 3.19 33.86 -0.78
C GLY B 91 3.89 32.78 -1.59
N LEU B 92 3.86 32.93 -2.92
CA LEU B 92 4.51 31.98 -3.84
C LEU B 92 6.03 32.14 -3.72
N ALA B 93 6.52 33.39 -3.55
CA ALA B 93 7.95 33.62 -3.37
C ALA B 93 8.42 32.91 -2.08
N ARG B 94 7.61 32.93 -0.99
CA ARG B 94 7.96 32.25 0.26
C ARG B 94 7.95 30.72 0.09
N MSE B 95 6.89 30.15 -0.53
CA MSE B 95 6.79 28.71 -0.76
C MSE B 95 7.97 28.20 -1.59
O MSE B 95 8.55 27.16 -1.26
CB MSE B 95 5.46 28.31 -1.44
CG MSE B 95 4.23 28.53 -0.56
SE MSE B 95 4.38 27.90 1.31
CE MSE B 95 2.56 28.36 1.88
N GLU B 96 8.36 28.95 -2.65
CA GLU B 96 9.50 28.63 -3.53
CA GLU B 96 9.48 28.62 -3.53
C GLU B 96 10.78 28.53 -2.70
N ARG B 97 11.03 29.55 -1.81
CA ARG B 97 12.19 29.63 -0.92
C ARG B 97 12.20 28.39 0.03
N ILE B 98 11.04 28.06 0.65
CA ILE B 98 10.94 26.91 1.54
C ILE B 98 11.25 25.58 0.78
N VAL B 99 10.60 25.35 -0.37
CA VAL B 99 10.84 24.15 -1.18
C VAL B 99 12.33 24.05 -1.59
N SER B 100 12.97 25.17 -1.98
CA SER B 100 14.39 25.17 -2.39
C SER B 100 15.26 24.72 -1.21
N PHE B 101 14.97 25.21 0.00
CA PHE B 101 15.69 24.79 1.22
C PHE B 101 15.50 23.30 1.48
N LEU B 102 14.26 22.80 1.42
CA LEU B 102 13.95 21.39 1.70
C LEU B 102 14.56 20.42 0.67
N GLU B 103 14.77 20.90 -0.57
CA GLU B 103 15.37 20.10 -1.63
C GLU B 103 16.87 19.92 -1.37
N LYS B 104 17.48 20.85 -0.61
CA LYS B 104 18.90 20.90 -0.32
C LYS B 104 19.31 20.42 1.08
N ALA B 105 18.44 20.64 2.11
CA ALA B 105 18.73 20.34 3.50
C ALA B 105 18.96 18.87 3.73
N ASP B 106 19.73 18.51 4.78
CA ASP B 106 20.04 17.11 5.13
C ASP B 106 18.79 16.26 5.32
N ARG B 107 18.82 15.05 4.73
CA ARG B 107 17.78 14.03 4.76
CA ARG B 107 17.79 14.03 4.76
C ARG B 107 18.41 12.70 5.12
N PHE B 108 17.63 11.79 5.71
CA PHE B 108 18.06 10.47 6.18
C PHE B 108 16.99 9.48 5.75
N HIS B 109 17.26 8.79 4.63
CA HIS B 109 16.36 7.88 3.92
C HIS B 109 15.07 8.64 3.58
N GLY B 110 15.25 9.85 3.07
CA GLY B 110 14.15 10.73 2.71
C GLY B 110 13.48 11.46 3.85
N ALA B 111 13.71 11.05 5.10
CA ALA B 111 13.10 11.69 6.25
C ALA B 111 13.93 12.91 6.69
N TYR B 112 13.27 13.89 7.28
CA TYR B 112 13.93 15.12 7.74
C TYR B 112 14.36 15.01 9.22
N PRO B 113 15.48 15.66 9.63
CA PRO B 113 15.81 15.66 11.07
C PRO B 113 14.88 16.58 11.85
N HIS B 114 14.89 16.49 13.17
CA HIS B 114 14.14 17.42 13.99
C HIS B 114 14.58 18.91 13.69
N TRP B 115 15.90 19.16 13.66
CA TRP B 115 16.47 20.50 13.44
C TRP B 115 17.53 20.57 12.36
N TRP B 116 17.63 21.75 11.72
CA TRP B 116 18.72 22.18 10.86
C TRP B 116 19.15 23.58 11.27
N TYR B 117 20.33 23.97 10.82
CA TYR B 117 20.81 25.34 10.82
C TYR B 117 20.21 25.89 9.54
N GLY B 118 19.32 26.86 9.67
CA GLY B 118 18.57 27.44 8.56
C GLY B 118 19.39 28.07 7.44
N ASP B 119 20.62 28.48 7.75
CA ASP B 119 21.50 29.11 6.76
C ASP B 119 22.29 28.11 5.92
N THR B 120 22.52 26.87 6.42
CA THR B 120 23.30 25.86 5.69
C THR B 120 22.47 24.60 5.35
N GLY B 121 21.40 24.34 6.10
CA GLY B 121 20.58 23.14 5.88
C GLY B 121 21.22 21.89 6.45
N LYS B 122 22.28 22.07 7.26
CA LYS B 122 22.95 20.96 7.94
C LYS B 122 22.19 20.60 9.21
N VAL B 123 22.06 19.30 9.51
CA VAL B 123 21.39 18.82 10.72
C VAL B 123 22.02 19.41 12.01
N LYS B 124 21.17 19.70 12.99
CA LYS B 124 21.63 20.04 14.31
C LYS B 124 21.10 18.93 15.19
N PRO B 125 21.98 18.07 15.75
CA PRO B 125 21.47 16.99 16.61
C PRO B 125 20.56 17.54 17.71
N PHE B 126 19.44 16.84 17.94
CA PHE B 126 18.46 17.24 18.97
C PHE B 126 18.81 16.62 20.34
N GLY B 127 19.65 15.59 20.30
CA GLY B 127 20.16 14.79 21.41
C GLY B 127 21.42 14.10 20.92
N GLN B 128 22.25 13.53 21.83
CA GLN B 128 23.51 12.88 21.45
CA GLN B 128 23.51 12.90 21.45
C GLN B 128 23.32 11.88 20.30
N LYS B 129 22.38 10.93 20.44
CA LYS B 129 22.16 9.90 19.42
C LYS B 129 21.03 10.26 18.41
N ASP B 130 20.39 11.41 18.60
CA ASP B 130 19.34 11.91 17.74
C ASP B 130 19.96 12.95 16.77
N ASN B 131 20.78 12.45 15.82
CA ASN B 131 21.48 13.29 14.86
C ASN B 131 21.11 12.89 13.43
N GLY B 132 20.01 12.14 13.25
CA GLY B 132 19.57 11.73 11.93
C GLY B 132 18.12 12.06 11.68
N GLY B 133 17.42 11.14 11.04
CA GLY B 133 16.00 11.31 10.74
C GLY B 133 15.15 11.18 11.98
N ASP B 134 14.06 11.94 11.98
CA ASP B 134 13.00 11.99 13.00
C ASP B 134 11.71 11.85 12.21
N LEU B 135 11.10 10.66 12.21
CA LEU B 135 9.92 10.40 11.36
C LEU B 135 8.63 11.12 11.80
N VAL B 136 8.51 11.40 13.08
CA VAL B 136 7.36 12.12 13.63
C VAL B 136 7.38 13.55 13.13
N GLU B 137 8.52 14.20 13.22
CA GLU B 137 8.73 15.55 12.74
C GLU B 137 8.56 15.63 11.21
N THR B 138 9.00 14.59 10.49
CA THR B 138 8.84 14.48 9.02
C THR B 138 7.34 14.44 8.66
N ALA B 139 6.55 13.71 9.45
CA ALA B 139 5.11 13.57 9.25
C ALA B 139 4.39 14.91 9.41
N PHE B 140 4.77 15.72 10.43
CA PHE B 140 4.18 17.03 10.66
C PHE B 140 4.55 17.98 9.51
N LEU B 141 5.76 17.89 9.00
CA LEU B 141 6.17 18.72 7.86
C LEU B 141 5.37 18.32 6.62
N MSE B 142 5.23 16.98 6.37
CA MSE B 142 4.54 16.49 5.18
C MSE B 142 3.06 16.81 5.25
O MSE B 142 2.50 17.16 4.21
CB MSE B 142 4.77 14.97 4.98
CG MSE B 142 6.18 14.65 4.51
SE MSE B 142 6.49 15.40 2.76
CE MSE B 142 8.33 15.98 3.00
N GLN B 143 2.44 16.77 6.44
CA GLN B 143 1.02 17.15 6.59
C GLN B 143 0.80 18.60 6.04
N GLY B 144 1.74 19.50 6.34
CA GLY B 144 1.73 20.86 5.84
C GLY B 144 1.99 20.96 4.35
N LEU B 145 3.03 20.27 3.88
CA LEU B 145 3.40 20.31 2.46
C LEU B 145 2.30 19.72 1.55
N LEU B 146 1.60 18.66 1.98
CA LEU B 146 0.52 18.09 1.16
C LEU B 146 -0.65 19.07 1.05
N ALA B 147 -0.88 19.90 2.08
CA ALA B 147 -1.89 20.95 2.07
C ALA B 147 -1.52 22.04 1.01
N VAL B 148 -0.25 22.48 0.97
CA VAL B 148 0.24 23.47 -0.01
C VAL B 148 0.15 22.85 -1.42
N HIS B 149 0.50 21.56 -1.52
CA HIS B 149 0.42 20.82 -2.79
C HIS B 149 -1.01 20.93 -3.36
N GLN B 150 -2.02 20.67 -2.52
CA GLN B 150 -3.43 20.72 -2.94
C GLN B 150 -3.89 22.15 -3.22
N TYR B 151 -3.34 23.13 -2.50
CA TYR B 151 -3.68 24.53 -2.73
C TYR B 151 -3.17 25.01 -4.09
N TYR B 152 -1.96 24.60 -4.50
CA TYR B 152 -1.33 25.04 -5.75
C TYR B 152 -1.51 24.08 -6.95
N ALA B 153 -2.04 22.86 -6.73
CA ALA B 153 -2.18 21.84 -7.79
C ALA B 153 -3.00 22.32 -9.00
N ASN B 154 -3.95 23.23 -8.79
CA ASN B 154 -4.76 23.71 -9.91
C ASN B 154 -4.59 25.21 -10.12
N GLY B 155 -3.49 25.79 -9.62
CA GLY B 155 -3.18 27.20 -9.78
C GLY B 155 -2.61 27.55 -11.14
N ASN B 156 -1.83 28.62 -11.22
CA ASN B 156 -1.21 29.00 -12.49
C ASN B 156 0.01 28.09 -12.74
N ASP B 157 0.70 28.24 -13.89
CA ASP B 157 1.84 27.39 -14.25
C ASP B 157 2.99 27.43 -13.21
N LYS B 158 3.25 28.58 -12.61
CA LYS B 158 4.32 28.75 -11.62
C LYS B 158 3.96 28.05 -10.33
N GLU B 159 2.67 28.10 -9.95
CA GLU B 159 2.11 27.43 -8.77
C GLU B 159 2.14 25.91 -8.96
N LYS B 160 1.69 25.42 -10.14
CA LYS B 160 1.70 23.98 -10.47
C LYS B 160 3.14 23.43 -10.46
N ALA B 161 4.13 24.23 -10.90
CA ALA B 161 5.53 23.80 -10.87
C ALA B 161 6.01 23.64 -9.43
N ILE B 162 5.55 24.52 -8.53
CA ILE B 162 5.86 24.46 -7.11
C ILE B 162 5.27 23.18 -6.53
N ALA B 163 3.99 22.85 -6.89
CA ALA B 163 3.31 21.63 -6.44
C ALA B 163 4.08 20.38 -6.87
N GLN B 164 4.52 20.33 -8.15
CA GLN B 164 5.29 19.21 -8.72
C GLN B 164 6.59 18.96 -7.90
N ARG B 165 7.26 20.04 -7.46
CA ARG B 165 8.49 19.96 -6.65
C ARG B 165 8.15 19.41 -5.24
N ILE B 166 6.98 19.76 -4.71
CA ILE B 166 6.52 19.26 -3.41
C ILE B 166 6.22 17.76 -3.51
N ASP B 167 5.53 17.33 -4.58
CA ASP B 167 5.19 15.92 -4.78
C ASP B 167 6.48 15.07 -4.84
N ARG B 168 7.57 15.60 -5.44
CA ARG B 168 8.83 14.86 -5.47
CA ARG B 168 8.85 14.88 -5.48
C ARG B 168 9.39 14.70 -4.05
N LEU B 169 9.36 15.78 -3.21
CA LEU B 169 9.83 15.73 -1.83
C LEU B 169 9.05 14.66 -1.06
N TRP B 170 7.71 14.67 -1.18
CA TRP B 170 6.76 13.71 -0.61
C TRP B 170 7.10 12.27 -1.08
N ARG B 171 7.29 12.05 -2.40
CA ARG B 171 7.59 10.72 -2.94
C ARG B 171 8.97 10.19 -2.49
N GLU B 172 9.86 11.07 -2.04
CA GLU B 172 11.18 10.64 -1.60
C GLU B 172 11.22 10.24 -0.11
N VAL B 173 10.18 10.48 0.69
CA VAL B 173 10.23 10.03 2.11
C VAL B 173 10.08 8.51 2.12
N ASP B 174 11.15 7.82 2.59
CA ASP B 174 11.12 6.34 2.65
C ASP B 174 10.57 5.90 4.02
N TRP B 175 9.23 5.96 4.18
CA TRP B 175 8.58 5.57 5.44
C TRP B 175 8.90 4.12 5.80
N ASP B 176 8.91 3.25 4.77
CA ASP B 176 9.12 1.81 4.92
C ASP B 176 10.49 1.50 5.53
N TRP B 177 11.51 2.32 5.24
CA TRP B 177 12.83 2.12 5.85
C TRP B 177 12.75 2.11 7.40
N TYR B 178 11.90 2.97 7.95
CA TYR B 178 11.77 3.18 9.40
C TYR B 178 10.99 2.03 10.09
N ARG B 179 10.72 0.94 9.38
CA ARG B 179 10.15 -0.27 9.95
C ARG B 179 11.30 -1.16 10.47
N LYS B 180 12.58 -0.70 10.29
CA LYS B 180 13.80 -1.39 10.75
C LYS B 180 13.84 -2.84 10.23
N GLY B 181 13.99 -3.00 8.91
CA GLY B 181 14.04 -4.31 8.28
C GLY B 181 12.73 -5.09 8.22
N GLY B 182 11.61 -4.40 8.07
CA GLY B 182 10.32 -5.05 7.87
C GLY B 182 9.48 -5.40 9.09
N GLN B 183 9.69 -4.72 10.22
CA GLN B 183 8.87 -4.98 11.40
C GLN B 183 7.49 -4.34 11.17
N ASN B 184 6.47 -4.74 11.92
CA ASN B 184 5.14 -4.14 11.75
C ASN B 184 4.92 -3.02 12.78
N VAL B 185 5.76 -2.00 12.67
CA VAL B 185 5.80 -0.82 13.55
C VAL B 185 6.73 0.20 12.89
N LEU B 186 6.58 1.47 13.23
CA LEU B 186 7.47 2.52 12.76
C LEU B 186 8.32 3.01 13.91
N TYR B 187 9.63 3.12 13.68
CA TYR B 187 10.57 3.67 14.66
C TYR B 187 10.64 5.19 14.47
N TRP B 188 10.81 5.92 15.57
CA TRP B 188 10.87 7.37 15.57
C TRP B 188 12.11 7.89 14.85
N HIS B 189 13.27 7.26 15.13
CA HIS B 189 14.52 7.72 14.62
C HIS B 189 15.35 6.69 13.86
N TRP B 190 16.33 7.23 13.11
CA TRP B 190 17.37 6.52 12.40
C TRP B 190 18.54 7.46 12.25
N SER B 191 19.73 6.94 12.58
CA SER B 191 20.95 7.72 12.47
C SER B 191 21.96 7.04 11.56
N PRO B 192 22.68 7.82 10.74
CA PRO B 192 23.76 7.19 9.93
C PRO B 192 24.93 6.70 10.80
N THR B 193 25.09 7.28 12.02
CA THR B 193 26.19 6.92 12.92
CA THR B 193 26.17 7.00 12.98
C THR B 193 25.72 6.00 14.07
N TYR B 194 24.51 6.21 14.61
CA TYR B 194 24.06 5.36 15.71
C TYR B 194 23.00 4.34 15.32
N GLY B 195 22.74 4.19 14.02
CA GLY B 195 21.74 3.26 13.50
C GLY B 195 20.38 3.41 14.18
N TRP B 196 19.92 2.29 14.80
CA TRP B 196 18.65 2.20 15.50
C TRP B 196 18.80 2.34 17.03
N GLU B 197 19.98 2.78 17.56
CA GLU B 197 20.23 2.89 19.03
C GLU B 197 19.19 3.75 19.82
N MSE B 198 18.48 4.72 19.17
CA MSE B 198 17.43 5.48 19.88
C MSE B 198 16.26 4.58 20.25
O MSE B 198 15.52 4.88 21.17
CB MSE B 198 16.94 6.71 19.10
CG MSE B 198 18.00 7.80 18.99
SE MSE B 198 18.05 8.90 20.57
CE MSE B 198 18.90 7.70 21.93
N ASP B 199 16.14 3.44 19.54
CA ASP B 199 15.22 2.34 19.75
C ASP B 199 13.84 2.79 20.35
N PHE B 200 13.09 3.58 19.56
CA PHE B 200 11.79 4.03 19.99
C PHE B 200 10.69 3.59 19.00
N PRO B 201 10.12 2.36 19.10
CA PRO B 201 8.99 2.00 18.20
C PRO B 201 7.73 2.76 18.68
N ILE B 202 6.96 3.37 17.76
CA ILE B 202 5.82 4.21 18.18
C ILE B 202 4.50 3.43 18.35
N HIS B 203 3.99 3.40 19.59
CA HIS B 203 2.72 2.76 19.91
C HIS B 203 1.73 3.83 20.35
N GLY B 204 0.46 3.70 19.96
CA GLY B 204 -0.52 4.72 20.36
C GLY B 204 -1.10 4.52 21.75
N TYR B 205 -1.86 5.49 22.28
CA TYR B 205 -2.14 6.76 21.63
C TYR B 205 -1.17 7.82 22.15
N ASN B 206 -0.67 8.65 21.22
CA ASN B 206 0.15 9.84 21.50
C ASN B 206 -0.10 10.81 20.35
N GLU B 207 0.70 11.85 20.22
CA GLU B 207 0.56 12.88 19.17
C GLU B 207 0.94 12.40 17.73
N CYS B 208 1.43 11.15 17.56
CA CYS B 208 2.02 10.66 16.29
C CYS B 208 1.09 9.92 15.32
N MSE B 209 -0.25 9.94 15.46
CA MSE B 209 -1.12 9.15 14.56
C MSE B 209 -0.94 9.48 13.06
O MSE B 209 -0.86 8.55 12.26
CB MSE B 209 -2.61 9.27 14.94
CG MSE B 209 -3.51 8.26 14.19
SE MSE B 209 -5.33 8.18 14.94
CE MSE B 209 -6.06 9.69 14.07
N ILE B 210 -0.88 10.78 12.68
CA ILE B 210 -0.73 11.22 11.27
C ILE B 210 0.54 10.60 10.61
N MSE B 211 1.55 10.25 11.41
CA MSE B 211 2.76 9.62 10.88
C MSE B 211 2.44 8.22 10.26
O MSE B 211 2.94 7.91 9.19
CB MSE B 211 3.83 9.50 11.97
CG MSE B 211 5.15 8.93 11.43
SE MSE B 211 6.20 8.23 12.89
CE MSE B 211 4.84 7.19 13.79
N TYR B 212 1.58 7.42 10.92
CA TYR B 212 1.11 6.14 10.41
C TYR B 212 0.18 6.33 9.23
N ILE B 213 -0.71 7.36 9.25
CA ILE B 213 -1.63 7.60 8.12
C ILE B 213 -0.80 7.95 6.84
N LEU B 214 0.18 8.86 6.95
CA LEU B 214 1.05 9.24 5.83
C LEU B 214 1.96 8.08 5.39
N ALA B 215 2.44 7.27 6.33
CA ALA B 215 3.24 6.09 6.02
C ALA B 215 2.45 5.14 5.14
N ALA B 216 1.14 4.97 5.40
CA ALA B 216 0.25 4.12 4.62
C ALA B 216 -0.17 4.76 3.29
N ALA B 217 -0.17 6.09 3.23
CA ALA B 217 -0.56 6.89 2.07
C ALA B 217 0.53 7.00 0.99
N SER B 218 1.82 6.82 1.36
CA SER B 218 2.94 7.05 0.44
C SER B 218 2.74 6.29 -0.86
N PRO B 219 2.79 7.01 -2.01
CA PRO B 219 2.59 6.36 -3.30
C PRO B 219 3.86 5.62 -3.78
N THR B 220 4.98 5.72 -3.02
CA THR B 220 6.24 5.08 -3.43
C THR B 220 6.82 4.15 -2.35
N HIS B 221 6.81 4.59 -1.08
CA HIS B 221 7.39 3.80 0.01
C HIS B 221 6.40 3.57 1.12
N GLY B 222 5.15 3.32 0.72
CA GLY B 222 4.04 3.04 1.63
C GLY B 222 4.25 1.78 2.45
N VAL B 223 3.71 1.76 3.65
CA VAL B 223 3.86 0.61 4.52
C VAL B 223 2.59 -0.29 4.47
N PRO B 224 2.73 -1.61 4.76
CA PRO B 224 1.53 -2.48 4.87
C PRO B 224 0.58 -2.01 5.97
N ALA B 225 -0.73 -2.36 5.91
CA ALA B 225 -1.70 -1.99 6.96
C ALA B 225 -1.33 -2.61 8.28
N ALA B 226 -0.66 -3.77 8.28
CA ALA B 226 -0.20 -4.48 9.50
C ALA B 226 0.67 -3.58 10.38
N VAL B 227 1.42 -2.66 9.77
CA VAL B 227 2.28 -1.70 10.49
C VAL B 227 1.40 -0.85 11.42
N TYR B 228 0.21 -0.40 10.95
CA TYR B 228 -0.75 0.38 11.77
C TYR B 228 -1.49 -0.52 12.81
N HIS B 229 -2.03 -1.70 12.42
CA HIS B 229 -2.79 -2.56 13.35
C HIS B 229 -1.89 -3.26 14.37
N ASP B 230 -0.68 -3.75 13.98
CA ASP B 230 0.24 -4.40 14.96
C ASP B 230 1.09 -3.38 15.76
N GLY B 231 1.54 -2.30 15.12
CA GLY B 231 2.41 -1.29 15.73
C GLY B 231 1.72 -0.15 16.44
N TRP B 232 0.97 0.68 15.69
CA TRP B 232 0.28 1.78 16.36
C TRP B 232 -0.82 1.32 17.36
N ALA B 233 -1.72 0.44 16.88
CA ALA B 233 -2.87 -0.01 17.65
C ALA B 233 -2.57 -1.21 18.56
N GLN B 234 -1.42 -1.90 18.34
CA GLN B 234 -1.01 -3.12 19.05
C GLN B 234 -2.22 -4.10 19.18
N ASN B 235 -2.89 -4.33 18.03
CA ASN B 235 -4.03 -5.23 17.80
C ASN B 235 -5.22 -4.97 18.74
N GLY B 236 -5.52 -3.69 18.98
CA GLY B 236 -6.62 -3.33 19.87
C GLY B 236 -6.25 -2.94 21.28
N ALA B 237 -4.98 -3.14 21.71
CA ALA B 237 -4.54 -2.71 23.05
C ALA B 237 -4.67 -1.16 23.27
N ILE B 238 -4.79 -0.38 22.18
CA ILE B 238 -4.95 1.09 22.21
C ILE B 238 -6.35 1.47 22.71
N VAL B 239 -7.29 0.51 22.73
CA VAL B 239 -8.65 0.73 23.21
C VAL B 239 -8.64 0.36 24.69
N SER B 240 -8.86 1.36 25.57
CA SER B 240 -8.85 1.14 27.02
C SER B 240 -9.76 2.16 27.67
N PRO B 241 -11.10 2.01 27.59
CA PRO B 241 -12.00 3.02 28.18
C PRO B 241 -11.75 3.22 29.69
N HIS B 242 -11.62 4.49 30.12
CA HIS B 242 -11.42 4.87 31.52
C HIS B 242 -11.92 6.29 31.73
N LYS B 243 -12.20 6.64 32.98
CA LYS B 243 -12.68 7.97 33.34
C LYS B 243 -11.56 8.80 33.95
N VAL B 244 -11.50 10.07 33.57
CA VAL B 244 -10.56 11.07 34.08
C VAL B 244 -11.39 12.32 34.32
N GLU B 245 -11.37 12.88 35.55
CA GLU B 245 -12.11 14.09 35.93
C GLU B 245 -13.65 13.88 35.68
N GLY B 246 -14.12 12.64 35.84
CA GLY B 246 -15.51 12.26 35.60
C GLY B 246 -15.90 12.21 34.13
N ILE B 247 -14.90 12.29 33.21
CA ILE B 247 -15.10 12.30 31.76
C ILE B 247 -14.55 11.02 31.19
N GLU B 248 -15.29 10.42 30.24
CA GLU B 248 -14.94 9.16 29.62
C GLU B 248 -13.96 9.33 28.44
N LEU B 249 -12.81 8.64 28.53
CA LEU B 249 -11.82 8.56 27.44
C LEU B 249 -11.81 7.12 26.92
N HIS B 250 -11.78 6.93 25.59
CA HIS B 250 -11.88 5.60 24.97
C HIS B 250 -10.51 4.94 24.74
N LEU B 251 -9.45 5.75 24.55
CA LEU B 251 -8.13 5.22 24.19
C LEU B 251 -7.18 5.08 25.36
N ARG B 252 -6.14 4.23 25.14
CA ARG B 252 -5.01 4.07 26.05
C ARG B 252 -4.00 5.16 25.70
N TYR B 253 -3.74 6.11 26.62
CA TYR B 253 -2.76 7.18 26.41
C TYR B 253 -1.42 6.65 26.92
N GLN B 254 -0.38 6.83 26.13
CA GLN B 254 0.94 6.30 26.47
C GLN B 254 1.53 6.88 27.76
N GLY B 255 1.63 6.03 28.79
CA GLY B 255 2.22 6.40 30.08
C GLY B 255 1.49 7.45 30.91
N THR B 256 0.17 7.60 30.69
CA THR B 256 -0.67 8.59 31.36
C THR B 256 -2.17 8.24 31.24
N GLU B 257 -3.00 8.81 32.13
CA GLU B 257 -4.46 8.61 32.07
C GLU B 257 -5.03 9.59 31.02
N ALA B 258 -4.36 10.74 30.80
CA ALA B 258 -4.76 11.81 29.87
C ALA B 258 -3.55 12.68 29.52
N GLY B 259 -3.14 12.66 28.28
CA GLY B 259 -1.95 13.38 27.89
C GLY B 259 -2.06 14.89 27.82
N PRO B 260 -0.91 15.55 27.51
CA PRO B 260 -0.94 17.01 27.29
C PRO B 260 -1.85 17.30 26.09
N LEU B 261 -2.54 18.46 26.13
CA LEU B 261 -3.56 18.78 25.15
C LEU B 261 -3.05 18.80 23.67
N PHE B 262 -1.73 19.02 23.40
CA PHE B 262 -1.26 19.03 22.01
C PHE B 262 -1.46 17.67 21.30
N TRP B 263 -1.63 16.56 22.08
CA TRP B 263 -1.88 15.21 21.54
C TRP B 263 -3.22 15.13 20.78
N ALA B 264 -4.15 16.06 21.09
CA ALA B 264 -5.47 16.16 20.45
C ALA B 264 -5.45 17.10 19.23
N GLN B 265 -4.29 17.76 18.95
CA GLN B 265 -4.19 18.81 17.97
C GLN B 265 -3.27 18.57 16.79
N TYR B 266 -1.99 18.18 17.01
CA TYR B 266 -0.97 18.06 15.93
C TYR B 266 -1.39 17.16 14.75
N SER B 267 -1.93 15.96 15.03
CA SER B 267 -2.35 15.05 13.95
C SER B 267 -3.68 15.46 13.34
N PHE B 268 -4.33 16.52 13.86
CA PHE B 268 -5.65 16.94 13.36
C PHE B 268 -5.66 18.34 12.75
N LEU B 269 -4.47 18.84 12.34
CA LEU B 269 -4.35 20.13 11.66
C LEU B 269 -4.79 20.00 10.20
N GLY B 270 -4.42 18.88 9.57
CA GLY B 270 -4.80 18.55 8.21
C GLY B 270 -5.85 17.46 8.21
N LEU B 271 -5.59 16.41 9.01
CA LEU B 271 -6.51 15.30 9.18
C LEU B 271 -7.80 15.83 9.88
N ASP B 272 -8.93 15.88 9.15
CA ASP B 272 -10.19 16.38 9.65
C ASP B 272 -10.80 15.41 10.73
N PRO B 273 -10.91 15.80 12.03
CA PRO B 273 -11.46 14.86 13.01
C PRO B 273 -12.98 14.71 12.93
N VAL B 274 -13.68 15.70 12.32
CA VAL B 274 -15.15 15.69 12.29
C VAL B 274 -15.67 14.47 11.50
N GLY B 275 -16.39 13.60 12.20
CA GLY B 275 -16.94 12.39 11.61
C GLY B 275 -15.94 11.30 11.31
N LEU B 276 -14.68 11.47 11.75
CA LEU B 276 -13.61 10.49 11.53
C LEU B 276 -13.76 9.33 12.52
N LYS B 277 -13.74 8.12 11.98
CA LYS B 277 -13.86 6.90 12.79
C LYS B 277 -13.04 5.78 12.15
N ASP B 278 -12.66 4.81 12.97
CA ASP B 278 -11.96 3.62 12.52
C ASP B 278 -12.24 2.52 13.55
N GLU B 279 -11.71 1.30 13.31
CA GLU B 279 -11.82 0.09 14.16
C GLU B 279 -11.60 0.40 15.66
N TYR B 280 -10.70 1.34 15.99
CA TYR B 280 -10.32 1.62 17.36
C TYR B 280 -11.00 2.83 18.03
N CYS B 281 -11.77 3.64 17.28
CA CYS B 281 -12.43 4.79 17.87
C CYS B 281 -13.72 5.11 17.06
N PRO B 282 -14.92 5.08 17.70
CA PRO B 282 -16.15 5.40 16.96
C PRO B 282 -16.24 6.87 16.49
N SER B 283 -15.42 7.78 17.09
CA SER B 283 -15.35 9.21 16.77
C SER B 283 -14.09 9.86 17.32
N TYR B 284 -13.13 10.19 16.45
CA TYR B 284 -11.90 10.85 16.87
C TYR B 284 -12.25 12.27 17.36
N PHE B 285 -13.31 12.89 16.78
CA PHE B 285 -13.76 14.22 17.24
C PHE B 285 -14.16 14.21 18.71
N HIS B 286 -15.00 13.25 19.11
CA HIS B 286 -15.47 13.17 20.49
C HIS B 286 -14.40 12.71 21.44
N GLU B 287 -13.43 11.91 20.98
CA GLU B 287 -12.31 11.51 21.85
C GLU B 287 -11.46 12.73 22.21
N MSE B 288 -11.11 13.54 21.21
CA MSE B 288 -10.28 14.75 21.36
C MSE B 288 -11.03 15.87 22.08
O MSE B 288 -10.40 16.65 22.78
CB MSE B 288 -9.74 15.19 20.00
CG MSE B 288 -8.79 14.16 19.36
SE MSE B 288 -7.62 13.09 20.61
CE MSE B 288 -7.85 11.32 19.74
N ARG B 289 -12.37 15.95 21.89
CA ARG B 289 -13.20 16.92 22.59
CA ARG B 289 -13.20 16.92 22.59
C ARG B 289 -13.17 16.56 24.08
N ASN B 290 -13.29 15.25 24.40
CA ASN B 290 -13.27 14.78 25.77
C ASN B 290 -11.92 15.01 26.42
N LEU B 291 -10.82 14.84 25.67
CA LEU B 291 -9.48 15.09 26.19
C LEU B 291 -9.32 16.60 26.52
N THR B 292 -9.98 17.47 25.74
CA THR B 292 -10.00 18.91 25.96
C THR B 292 -10.79 19.18 27.24
N LEU B 293 -11.96 18.53 27.37
CA LEU B 293 -12.83 18.73 28.52
C LEU B 293 -12.21 18.18 29.82
N VAL B 294 -11.36 17.14 29.74
CA VAL B 294 -10.60 16.64 30.90
C VAL B 294 -9.59 17.70 31.36
N ASN B 295 -8.88 18.29 30.40
CA ASN B 295 -7.87 19.34 30.61
C ASN B 295 -8.47 20.54 31.34
N ARG B 296 -9.62 21.02 30.83
CA ARG B 296 -10.38 22.15 31.37
C ARG B 296 -10.92 21.82 32.78
N ALA B 297 -11.49 20.60 32.94
CA ALA B 297 -12.04 20.17 34.22
C ALA B 297 -10.97 20.18 35.29
N TYR B 298 -9.73 19.70 34.97
CA TYR B 298 -8.62 19.69 35.93
C TYR B 298 -8.26 21.11 36.37
N CYS B 299 -8.14 22.06 35.41
CA CYS B 299 -7.79 23.45 35.69
C CYS B 299 -8.87 24.12 36.50
N ILE B 300 -10.17 23.82 36.25
CA ILE B 300 -11.28 24.40 37.04
C ILE B 300 -11.18 23.84 38.46
N ARG B 301 -10.89 22.54 38.60
CA ARG B 301 -10.75 21.93 39.91
C ARG B 301 -9.60 22.55 40.66
N ASN B 302 -8.43 22.78 39.99
CA ASN B 302 -7.23 23.47 40.51
C ASN B 302 -6.87 22.95 41.92
N PRO B 303 -6.51 21.64 42.06
CA PRO B 303 -6.25 21.10 43.41
C PRO B 303 -4.97 21.63 44.06
N LYS B 304 -4.06 22.21 43.26
CA LYS B 304 -2.80 22.77 43.76
C LYS B 304 -2.92 24.26 44.09
N HIS B 305 -4.13 24.83 43.89
CA HIS B 305 -4.56 26.20 44.21
C HIS B 305 -3.68 27.28 43.56
N TYR B 306 -3.44 27.15 42.25
CA TYR B 306 -2.65 28.14 41.50
C TYR B 306 -3.49 29.35 41.18
N LYS B 307 -2.85 30.52 41.13
CA LYS B 307 -3.57 31.76 40.84
C LYS B 307 -4.04 31.77 39.39
N GLY B 308 -5.28 32.21 39.18
CA GLY B 308 -5.83 32.38 37.85
C GLY B 308 -6.55 31.22 37.20
N PHE B 309 -6.23 29.96 37.60
CA PHE B 309 -6.83 28.74 37.03
C PHE B 309 -8.36 28.75 37.23
N GLY B 310 -9.11 28.54 36.16
CA GLY B 310 -10.57 28.58 36.20
C GLY B 310 -11.23 28.45 34.84
N PRO B 311 -12.56 28.68 34.72
CA PRO B 311 -13.24 28.53 33.42
C PRO B 311 -12.78 29.53 32.35
N ASP B 312 -12.24 30.69 32.77
CA ASP B 312 -11.74 31.70 31.84
C ASP B 312 -10.24 31.51 31.57
N CYS B 313 -9.56 30.65 32.35
CA CYS B 313 -8.12 30.47 32.19
C CYS B 313 -7.73 29.02 32.47
N TRP B 314 -7.56 28.24 31.39
CA TRP B 314 -7.20 26.83 31.47
C TRP B 314 -6.39 26.42 30.25
N GLY B 315 -5.75 25.27 30.31
CA GLY B 315 -5.00 24.76 29.17
C GLY B 315 -3.59 24.35 29.54
N LEU B 316 -3.41 23.03 29.74
CA LEU B 316 -2.14 22.42 30.13
C LEU B 316 -1.58 21.56 29.01
N THR B 317 -0.37 21.94 28.56
CA THR B 317 0.36 21.23 27.53
C THR B 317 1.85 21.46 27.68
N ALA B 318 2.66 20.70 26.93
CA ALA B 318 4.11 20.85 26.87
C ALA B 318 4.49 22.27 26.37
N SER B 319 5.40 22.96 27.09
CA SER B 319 5.85 24.33 26.76
C SER B 319 6.95 24.77 27.69
N TYR B 320 7.48 25.98 27.48
CA TYR B 320 8.39 26.56 28.45
C TYR B 320 7.73 26.52 29.80
N SER B 321 8.53 26.36 30.85
CA SER B 321 8.01 26.32 32.20
C SER B 321 8.86 27.20 33.08
N VAL B 322 8.38 27.52 34.30
CA VAL B 322 9.09 28.36 35.28
C VAL B 322 10.56 27.90 35.43
N ASP B 323 10.80 26.60 35.58
CA ASP B 323 12.17 26.08 35.73
C ASP B 323 12.77 25.48 34.43
N GLY B 324 12.30 25.95 33.26
CA GLY B 324 12.82 25.51 31.97
C GLY B 324 11.81 25.18 30.88
N TYR B 325 11.56 23.88 30.72
CA TYR B 325 10.61 23.30 29.76
C TYR B 325 10.02 22.09 30.38
N ALA B 326 8.69 21.91 30.22
CA ALA B 326 8.01 20.78 30.85
C ALA B 326 6.80 20.30 30.06
N ALA B 327 6.54 18.98 30.13
CA ALA B 327 5.38 18.33 29.51
C ALA B 327 4.16 18.46 30.45
N HIS B 328 3.66 19.70 30.64
CA HIS B 328 2.50 19.92 31.51
C HIS B 328 1.30 19.12 31.01
N SER B 329 0.56 18.52 31.91
CA SER B 329 -0.65 17.77 31.53
C SER B 329 -1.64 17.83 32.73
N PRO B 330 -2.94 17.44 32.54
CA PRO B 330 -3.93 17.63 33.61
C PRO B 330 -3.83 16.57 34.71
N ASN B 331 -2.78 16.66 35.54
CA ASN B 331 -2.53 15.85 36.74
C ASN B 331 -1.55 16.60 37.65
N GLU B 332 -1.66 16.39 38.96
CA GLU B 332 -0.91 17.06 40.02
C GLU B 332 0.62 16.88 39.93
N GLN B 333 1.10 15.83 39.25
CA GLN B 333 2.55 15.60 39.07
C GLN B 333 3.15 16.48 37.95
N ASP B 334 2.38 16.71 36.88
CA ASP B 334 2.84 17.46 35.72
C ASP B 334 2.39 18.93 35.76
N ASP B 335 1.37 19.26 36.59
CA ASP B 335 0.87 20.62 36.75
C ASP B 335 1.89 21.45 37.53
N LYS B 336 2.38 22.55 36.93
CA LYS B 336 3.39 23.43 37.54
C LYS B 336 2.88 24.85 37.74
N GLY B 337 1.60 25.08 37.53
CA GLY B 337 1.02 26.43 37.66
C GLY B 337 1.18 27.24 36.40
N VAL B 338 1.48 26.56 35.32
CA VAL B 338 1.76 27.20 34.03
C VAL B 338 0.63 26.94 33.04
N ILE B 339 0.07 28.04 32.47
CA ILE B 339 -0.96 27.99 31.44
C ILE B 339 -0.23 28.25 30.12
N SER B 340 -0.54 27.47 29.08
CA SER B 340 0.03 27.64 27.74
C SER B 340 -1.11 27.96 26.78
N PRO B 341 -1.20 29.22 26.27
CA PRO B 341 -2.34 29.60 25.40
C PRO B 341 -2.63 28.66 24.22
N THR B 342 -1.62 27.97 23.69
CA THR B 342 -1.83 27.03 22.58
C THR B 342 -2.76 25.88 22.94
N ALA B 343 -2.82 25.49 24.23
CA ALA B 343 -3.66 24.37 24.66
C ALA B 343 -5.14 24.65 24.47
N ALA B 344 -5.68 25.68 25.11
CA ALA B 344 -7.11 26.00 24.99
C ALA B 344 -7.44 26.54 23.61
N LEU B 345 -6.58 27.38 23.05
CA LEU B 345 -6.89 28.01 21.78
C LEU B 345 -6.85 27.04 20.60
N SER B 346 -5.89 26.07 20.58
CA SER B 346 -5.84 25.12 19.46
C SER B 346 -6.93 24.02 19.59
N SER B 347 -7.75 24.08 20.65
CA SER B 347 -8.87 23.17 20.83
C SER B 347 -10.19 23.87 20.47
N ILE B 348 -10.13 25.07 19.84
CA ILE B 348 -11.30 25.85 19.39
C ILE B 348 -12.21 25.01 18.48
N VAL B 349 -11.65 24.12 17.66
CA VAL B 349 -12.41 23.24 16.75
C VAL B 349 -13.28 22.22 17.54
N TYR B 350 -12.87 21.88 18.78
CA TYR B 350 -13.57 20.93 19.66
C TYR B 350 -14.52 21.58 20.67
N THR B 351 -14.03 22.65 21.34
CA THR B 351 -14.78 23.38 22.38
C THR B 351 -14.79 24.88 22.00
N PRO B 352 -15.59 25.28 20.97
CA PRO B 352 -15.55 26.66 20.50
C PRO B 352 -15.81 27.72 21.59
N GLU B 353 -16.87 27.56 22.41
CA GLU B 353 -17.22 28.54 23.45
C GLU B 353 -16.18 28.60 24.56
N TYR B 354 -15.72 27.45 25.08
CA TYR B 354 -14.73 27.43 26.15
C TYR B 354 -13.39 27.98 25.66
N SER B 355 -13.01 27.67 24.42
CA SER B 355 -11.75 28.17 23.88
C SER B 355 -11.82 29.67 23.62
N LEU B 356 -12.97 30.18 23.14
CA LEU B 356 -13.13 31.61 22.89
C LEU B 356 -13.15 32.38 24.21
N GLN B 357 -13.58 31.72 25.31
CA GLN B 357 -13.62 32.26 26.68
C GLN B 357 -12.20 32.55 27.15
N VAL B 358 -11.29 31.60 26.90
CA VAL B 358 -9.89 31.74 27.30
C VAL B 358 -9.22 32.76 26.39
N MSE B 359 -9.51 32.72 25.05
CA MSE B 359 -8.94 33.68 24.11
C MSE B 359 -9.25 35.12 24.52
O MSE B 359 -8.37 35.97 24.53
CB MSE B 359 -9.42 33.42 22.68
CG MSE B 359 -8.60 34.18 21.63
SE MSE B 359 -9.28 33.84 19.82
CE MSE B 359 -8.93 31.88 19.71
N ARG B 360 -10.54 35.39 24.83
CA ARG B 360 -11.01 36.72 25.21
C ARG B 360 -10.35 37.18 26.54
N HIS B 361 -10.21 36.25 27.51
CA HIS B 361 -9.60 36.52 28.81
C HIS B 361 -8.09 36.79 28.65
N LEU B 362 -7.38 35.94 27.87
CA LEU B 362 -5.94 36.10 27.64
C LEU B 362 -5.64 37.42 26.92
N TYR B 363 -6.43 37.77 25.89
CA TYR B 363 -6.30 39.04 25.18
C TYR B 363 -6.49 40.22 26.16
N ASN B 364 -7.45 40.13 27.09
CA ASN B 364 -7.72 41.20 28.05
C ASN B 364 -6.61 41.36 29.12
N MSE B 365 -5.70 40.38 29.25
CA MSE B 365 -4.56 40.47 30.18
C MSE B 365 -3.50 41.44 29.67
O MSE B 365 -2.61 41.82 30.42
CB MSE B 365 -3.95 39.10 30.45
CG MSE B 365 -4.67 38.32 31.51
SE MSE B 365 -4.06 36.50 31.52
CE MSE B 365 -2.54 36.68 32.67
N GLY B 366 -3.62 41.84 28.41
CA GLY B 366 -2.73 42.83 27.79
C GLY B 366 -1.42 42.33 27.23
N ASP B 367 -0.49 43.28 27.03
CA ASP B 367 0.83 43.06 26.43
C ASP B 367 1.68 42.01 27.18
N LYS B 368 1.48 41.83 28.49
CA LYS B 368 2.26 40.84 29.25
C LYS B 368 2.08 39.39 28.70
N VAL B 369 0.94 39.06 28.02
CA VAL B 369 0.73 37.72 27.43
C VAL B 369 0.52 37.80 25.90
N PHE B 370 -0.05 38.91 25.39
CA PHE B 370 -0.30 39.04 23.96
C PHE B 370 0.75 39.96 23.33
N GLY B 371 1.78 39.35 22.75
CA GLY B 371 2.90 40.09 22.16
C GLY B 371 2.83 40.37 20.67
N PRO B 372 3.97 40.75 20.04
CA PRO B 372 3.95 41.09 18.60
C PRO B 372 3.57 39.93 17.68
N PHE B 373 3.96 38.68 18.01
CA PHE B 373 3.66 37.48 17.18
C PHE B 373 2.55 36.60 17.80
N GLY B 374 1.63 37.24 18.52
CA GLY B 374 0.51 36.60 19.20
C GLY B 374 0.79 36.30 20.66
N PHE B 375 0.03 35.37 21.24
CA PHE B 375 0.20 34.99 22.62
C PHE B 375 1.55 34.37 22.85
N TYR B 376 2.20 34.77 23.94
CA TYR B 376 3.48 34.21 24.37
C TYR B 376 3.26 32.74 24.76
N ASP B 377 4.35 31.97 24.81
CA ASP B 377 4.33 30.52 24.99
C ASP B 377 3.61 29.99 26.26
N ALA B 378 4.00 30.53 27.40
CA ALA B 378 3.46 30.06 28.66
C ALA B 378 3.58 31.16 29.66
N PHE B 379 2.86 31.04 30.80
CA PHE B 379 2.93 32.04 31.88
C PHE B 379 2.42 31.43 33.16
N SER B 380 2.91 31.96 34.28
CA SER B 380 2.45 31.53 35.60
C SER B 380 1.99 32.76 36.39
N GLU B 381 0.66 32.93 36.61
CA GLU B 381 0.12 34.04 37.42
C GLU B 381 0.62 33.94 38.88
N THR B 382 0.81 32.70 39.38
CA THR B 382 1.30 32.41 40.74
C THR B 382 2.74 32.91 40.94
N ASP B 383 3.65 32.56 40.01
CA ASP B 383 5.08 32.92 40.06
C ASP B 383 5.37 34.30 39.47
N ASN B 384 4.35 34.97 38.86
CA ASN B 384 4.46 36.27 38.17
C ASN B 384 5.55 36.16 37.07
N TRP B 385 5.51 35.03 36.35
CA TRP B 385 6.43 34.66 35.31
C TRP B 385 5.74 34.85 33.95
N TYR B 386 6.12 35.91 33.21
CA TYR B 386 5.52 36.25 31.90
C TYR B 386 6.62 36.37 30.81
N PRO B 387 7.21 35.23 30.38
CA PRO B 387 8.28 35.30 29.36
C PRO B 387 7.79 35.84 28.01
N GLN B 388 8.60 36.69 27.41
CA GLN B 388 8.26 37.24 26.12
C GLN B 388 8.94 36.35 25.07
N ARG B 389 8.49 35.06 25.03
CA ARG B 389 9.08 34.01 24.20
C ARG B 389 8.02 33.21 23.49
N TYR B 390 8.37 32.76 22.29
CA TYR B 390 7.54 31.93 21.43
C TYR B 390 8.24 30.67 21.01
N LEU B 391 7.44 29.63 20.69
CA LEU B 391 7.88 28.36 20.10
C LEU B 391 7.04 28.10 18.87
N ALA B 392 7.66 27.77 17.73
CA ALA B 392 6.96 27.42 16.50
C ALA B 392 5.85 26.37 16.71
N ILE B 393 6.12 25.30 17.47
CA ILE B 393 5.16 24.20 17.70
C ILE B 393 3.95 24.64 18.58
N ASP B 394 4.05 25.77 19.28
CA ASP B 394 2.91 26.21 20.06
C ASP B 394 2.13 27.28 19.26
N GLN B 395 2.83 28.14 18.46
CA GLN B 395 2.18 29.16 17.62
C GLN B 395 1.46 28.56 16.42
N GLY B 396 2.08 27.57 15.79
CA GLY B 396 1.56 26.89 14.62
C GLY B 396 0.12 26.42 14.76
N PRO B 397 -0.19 25.60 15.78
CA PRO B 397 -1.57 25.09 15.92
C PRO B 397 -2.64 26.14 16.17
N ILE B 398 -2.29 27.27 16.82
CA ILE B 398 -3.22 28.38 17.09
C ILE B 398 -3.76 28.95 15.77
N ALA B 399 -2.87 29.30 14.82
CA ALA B 399 -3.23 29.87 13.54
C ALA B 399 -4.05 28.88 12.69
N VAL B 400 -3.62 27.62 12.70
CA VAL B 400 -4.23 26.58 11.86
C VAL B 400 -5.62 26.17 12.40
N MSE B 401 -5.75 25.95 13.73
CA MSE B 401 -7.02 25.53 14.28
C MSE B 401 -8.08 26.65 14.24
O MSE B 401 -9.26 26.34 13.96
CB MSE B 401 -6.87 24.93 15.67
CG MSE B 401 -6.13 23.62 15.61
SE MSE B 401 -7.01 22.29 14.46
CE MSE B 401 -6.94 20.70 15.66
N ILE B 402 -7.66 27.92 14.40
CA ILE B 402 -8.60 29.05 14.25
C ILE B 402 -9.09 29.07 12.78
N GLU B 403 -8.18 28.87 11.83
CA GLU B 403 -8.56 28.81 10.42
C GLU B 403 -9.52 27.64 10.13
N ASN B 404 -9.21 26.42 10.63
CA ASN B 404 -10.07 25.25 10.42
C ASN B 404 -11.43 25.46 11.04
N TYR B 405 -11.48 26.13 12.21
CA TYR B 405 -12.75 26.45 12.88
C TYR B 405 -13.58 27.46 12.06
N ARG B 406 -12.91 28.47 11.49
CA ARG B 406 -13.57 29.54 10.73
CA ARG B 406 -13.56 29.53 10.73
C ARG B 406 -13.98 29.12 9.33
N THR B 407 -13.11 28.40 8.56
CA THR B 407 -13.45 28.03 7.17
C THR B 407 -13.23 26.53 6.81
N GLY B 408 -12.50 25.80 7.65
CA GLY B 408 -12.12 24.41 7.39
C GLY B 408 -11.07 24.28 6.30
N LEU B 409 -10.36 25.38 5.97
CA LEU B 409 -9.40 25.44 4.88
C LEU B 409 -8.32 24.33 4.92
N LEU B 410 -7.59 24.17 6.03
CA LEU B 410 -6.49 23.18 6.02
C LEU B 410 -7.04 21.77 5.97
N TRP B 411 -8.19 21.51 6.61
CA TRP B 411 -8.81 20.19 6.50
C TRP B 411 -9.28 19.91 5.07
N LYS B 412 -9.94 20.88 4.39
CA LYS B 412 -10.41 20.68 3.01
C LYS B 412 -9.24 20.33 2.09
N LEU B 413 -8.13 21.09 2.17
CA LEU B 413 -6.98 20.89 1.31
C LEU B 413 -6.32 19.53 1.53
N PHE B 414 -5.93 19.23 2.80
CA PHE B 414 -5.28 17.96 3.16
C PHE B 414 -6.16 16.73 2.83
N MSE B 415 -7.46 16.79 3.16
CA MSE B 415 -8.36 15.65 2.90
C MSE B 415 -8.61 15.43 1.41
O MSE B 415 -9.00 14.34 1.03
CB MSE B 415 -9.71 15.78 3.65
CG MSE B 415 -9.55 15.82 5.18
SE MSE B 415 -8.81 14.13 5.88
CE MSE B 415 -10.53 13.15 6.02
N SER B 416 -8.39 16.46 0.57
CA SER B 416 -8.61 16.32 -0.86
C SER B 416 -7.48 15.59 -1.54
N HIS B 417 -6.31 15.44 -0.86
CA HIS B 417 -5.13 14.79 -1.45
C HIS B 417 -5.42 13.33 -1.79
N PRO B 418 -5.24 12.87 -3.07
CA PRO B 418 -5.58 11.47 -3.42
C PRO B 418 -4.75 10.42 -2.69
N ASP B 419 -3.49 10.70 -2.32
CA ASP B 419 -2.68 9.71 -1.60
C ASP B 419 -3.17 9.55 -0.17
N VAL B 420 -3.58 10.67 0.44
CA VAL B 420 -4.11 10.68 1.80
C VAL B 420 -5.39 9.88 1.83
N GLN B 421 -6.28 10.07 0.83
CA GLN B 421 -7.56 9.36 0.76
C GLN B 421 -7.36 7.85 0.60
N ALA B 422 -6.33 7.42 -0.12
CA ALA B 422 -6.01 6.01 -0.32
C ALA B 422 -5.45 5.41 0.97
N GLY B 423 -4.64 6.20 1.68
CA GLY B 423 -4.03 5.83 2.96
C GLY B 423 -5.08 5.59 4.02
N LEU B 424 -6.04 6.53 4.14
CA LEU B 424 -7.15 6.43 5.11
C LEU B 424 -8.00 5.18 4.83
N THR B 425 -8.33 4.93 3.55
CA THR B 425 -9.10 3.74 3.15
C THR B 425 -8.31 2.49 3.50
N LYS B 426 -7.00 2.43 3.15
CA LYS B 426 -6.10 1.29 3.45
C LYS B 426 -6.13 0.92 4.95
N LEU B 427 -6.06 1.92 5.85
CA LEU B 427 -6.02 1.69 7.33
C LEU B 427 -7.38 1.55 8.00
N GLY B 428 -8.45 1.58 7.20
CA GLY B 428 -9.81 1.38 7.70
C GLY B 428 -10.52 2.61 8.25
N PHE B 429 -10.01 3.80 7.95
CA PHE B 429 -10.67 5.05 8.38
C PHE B 429 -11.88 5.39 7.50
N ASN B 430 -12.83 6.13 8.07
CA ASN B 430 -14.04 6.58 7.42
C ASN B 430 -14.50 7.95 7.95
N THR B 431 -15.13 8.78 7.09
CA THR B 431 -15.75 10.07 7.43
C THR B 431 -17.27 10.02 7.10
N ASN B 432 -18.14 10.36 8.08
CA ASN B 432 -19.60 10.41 7.95
C ASN B 432 -20.20 11.38 8.96
C ACT C . 5.50 -22.24 -13.48
O ACT C . 5.90 -22.82 -14.51
OXT ACT C . 5.92 -21.12 -13.05
CH3 ACT C . 4.37 -22.96 -12.67
C ACT D . 10.89 -18.74 -15.04
O ACT D . 10.16 -19.77 -15.10
OXT ACT D . 10.51 -17.58 -15.32
CH3 ACT D . 12.37 -18.91 -14.63
C ACT E . 12.41 36.94 -2.05
O ACT E . 12.07 35.87 -1.48
OXT ACT E . 13.46 37.60 -1.80
CH3 ACT E . 11.47 37.51 -3.12
C ACT F . 12.56 22.62 23.05
O ACT F . 13.66 22.05 23.30
OXT ACT F . 12.33 23.85 23.18
CH3 ACT F . 11.41 21.73 22.52
C TRS G . 8.02 17.41 19.76
C1 TRS G . 7.79 16.16 18.90
C2 TRS G . 6.70 17.98 20.25
C3 TRS G . 8.82 18.47 18.98
N TRS G . 8.85 17.02 20.95
O1 TRS G . 7.06 15.16 19.62
O2 TRS G . 6.09 17.13 21.21
O3 TRS G . 8.06 19.03 17.91
#